data_1C2Q
# 
_entry.id   1C2Q 
# 
_audit_conform.dict_name       mmcif_pdbx.dic 
_audit_conform.dict_version    5.392 
_audit_conform.dict_location   http://mmcif.pdb.org/dictionaries/ascii/mmcif_pdbx.dic 
# 
loop_
_database_2.database_id 
_database_2.database_code 
_database_2.pdbx_database_accession 
_database_2.pdbx_DOI 
PDB   1C2Q         pdb_00001c2q 10.2210/pdb1c2q/pdb 
RCSB  RCSB009406   ?            ?                   
WWPDB D_1000009406 ?            ?                   
# 
loop_
_pdbx_audit_revision_history.ordinal 
_pdbx_audit_revision_history.data_content_type 
_pdbx_audit_revision_history.major_revision 
_pdbx_audit_revision_history.minor_revision 
_pdbx_audit_revision_history.revision_date 
1 'Structure model' 1 0 1999-11-29 
2 'Structure model' 1 1 2008-04-27 
3 'Structure model' 1 2 2011-07-13 
4 'Structure model' 1 3 2022-02-16 
5 'Structure model' 1 4 2024-05-22 
# 
_pdbx_audit_revision_details.ordinal             1 
_pdbx_audit_revision_details.revision_ordinal    1 
_pdbx_audit_revision_details.data_content_type   'Structure model' 
_pdbx_audit_revision_details.provider            repository 
_pdbx_audit_revision_details.type                'Initial release' 
_pdbx_audit_revision_details.description         ? 
_pdbx_audit_revision_details.details             ? 
# 
loop_
_pdbx_audit_revision_group.ordinal 
_pdbx_audit_revision_group.revision_ordinal 
_pdbx_audit_revision_group.data_content_type 
_pdbx_audit_revision_group.group 
1 2 'Structure model' 'Version format compliance' 
2 3 'Structure model' 'Version format compliance' 
3 4 'Structure model' Advisory                    
4 4 'Structure model' 'Data collection'           
5 4 'Structure model' 'Database references'       
6 4 'Structure model' 'Derived calculations'      
7 5 'Structure model' 'Data collection'           
# 
loop_
_pdbx_audit_revision_category.ordinal 
_pdbx_audit_revision_category.revision_ordinal 
_pdbx_audit_revision_category.data_content_type 
_pdbx_audit_revision_category.category 
1 4 'Structure model' database_2                    
2 4 'Structure model' pdbx_nmr_software             
3 4 'Structure model' pdbx_struct_assembly          
4 4 'Structure model' pdbx_struct_oper_list         
5 4 'Structure model' pdbx_validate_polymer_linkage 
6 4 'Structure model' struct_conn                   
7 5 'Structure model' chem_comp_atom                
8 5 'Structure model' chem_comp_bond                
# 
loop_
_pdbx_audit_revision_item.ordinal 
_pdbx_audit_revision_item.revision_ordinal 
_pdbx_audit_revision_item.data_content_type 
_pdbx_audit_revision_item.item 
1 4 'Structure model' '_database_2.pdbx_DOI'                
2 4 'Structure model' '_database_2.pdbx_database_accession' 
3 4 'Structure model' '_pdbx_nmr_software.name'             
4 4 'Structure model' '_struct_conn.pdbx_leaving_atom_flag' 
# 
_pdbx_database_status.status_code                     REL 
_pdbx_database_status.entry_id                        1C2Q 
_pdbx_database_status.recvd_initial_deposition_date   1999-07-26 
_pdbx_database_status.deposit_site                    RCSB 
_pdbx_database_status.process_site                    RCSB 
_pdbx_database_status.status_code_mr                  REL 
_pdbx_database_status.SG_entry                        . 
_pdbx_database_status.pdb_format_compatible           Y 
_pdbx_database_status.status_code_sf                  ? 
_pdbx_database_status.status_code_cs                  ? 
_pdbx_database_status.status_code_nmr_data            ? 
_pdbx_database_status.methods_development_category    ? 
# 
_pdbx_database_related.db_name        PDB 
_pdbx_database_related.db_id          1BX5 
_pdbx_database_related.details        
;SOLUTION STRUCTURE OF A SELF-COMPLEMENTARY DNA DUPLEX CONTAINING THE SAME MODIFICATIONS (1 ALPHA-ANOMERIC THYMIDINE AND FLANKING 3'-3' AND 5'-5' PHOSPHODIESTER LINKAGES PER STRAND)
;
_pdbx_database_related.content_type   unspecified 
# 
loop_
_audit_author.name 
_audit_author.pdbx_ordinal 
'Germann, M.W.' 1 
'Aramini, J.M.' 2 
# 
loop_
_citation.id 
_citation.title 
_citation.journal_abbrev 
_citation.journal_volume 
_citation.page_first 
_citation.page_last 
_citation.year 
_citation.journal_id_ASTM 
_citation.country 
_citation.journal_id_ISSN 
_citation.journal_id_CSD 
_citation.book_publisher 
_citation.pdbx_database_id_PubMed 
_citation.pdbx_database_id_DOI 
primary 
;Solution structure of a DNA.RNA hybrid containing an alpha-anomeric thymidine and polarity reversals: d(ATGG-3'-3'-alphaT-5'-5'-GCTC). r(gagcaccau).
;
Biochemistry         38 15448 15458 1999 BICHAW US 0006-2960 0033 ? 10569927 10.1021/bi9915418      
1       
;NMR solution structures of [d(GCGAAT-3'-3'-(alpha-T)-5'-5'-CGC)2] and its unmodified control
;
'Nucleic Acids Res.' 26 5644  5654  1998 NARHAD UK 0305-1048 0389 ? ?        10.1093/nar/26.24.5644 
# 
loop_
_citation_author.citation_id 
_citation_author.name 
_citation_author.ordinal 
_citation_author.identifier_ORCID 
primary 'Aramini, J.M.' 1 ? 
primary 'Germann, M.W.' 2 ? 
1       'Aramini, J.M.' 3 ? 
1       'Mujeeb, A.'    4 ? 
1       'Germann, M.W.' 5 ? 
# 
loop_
_entity.id 
_entity.type 
_entity.src_method 
_entity.pdbx_description 
_entity.formula_weight 
_entity.pdbx_number_of_molecules 
_entity.pdbx_ec 
_entity.pdbx_mutation 
_entity.pdbx_fragment 
_entity.details 
1 polymer syn "5'-D(ATGG-3'-3'-(T3P)-5'-5'-GCTC)-3'" 2746.809 1 ? ? ? 'T5 IS ALPHAT ANOMERIC' 
2 polymer syn "5'-R(GAGCACCAU)-3'"                   2854.782 1 ? ? ? ?                       
# 
loop_
_entity_poly.entity_id 
_entity_poly.type 
_entity_poly.nstd_linkage 
_entity_poly.nstd_monomer 
_entity_poly.pdbx_seq_one_letter_code 
_entity_poly.pdbx_seq_one_letter_code_can 
_entity_poly.pdbx_strand_id 
_entity_poly.pdbx_target_identifier 
1 polydeoxyribonucleotide no yes '(DA)(DT)(DG)(DG)(T3P)(DG)(DC)(DT)(DC)' ATGGTGCTC A ? 
2 polyribonucleotide      no no  GAGCACCAU                               GAGCACCAU B ? 
# 
loop_
_entity_poly_seq.entity_id 
_entity_poly_seq.num 
_entity_poly_seq.mon_id 
_entity_poly_seq.hetero 
1 1 DA  n 
1 2 DT  n 
1 3 DG  n 
1 4 DG  n 
1 5 T3P n 
1 6 DG  n 
1 7 DC  n 
1 8 DT  n 
1 9 DC  n 
2 1 G   n 
2 2 A   n 
2 3 G   n 
2 4 C   n 
2 5 A   n 
2 6 C   n 
2 7 C   n 
2 8 A   n 
2 9 U   n 
# 
loop_
_pdbx_entity_src_syn.entity_id 
_pdbx_entity_src_syn.pdbx_src_id 
_pdbx_entity_src_syn.pdbx_alt_source_flag 
_pdbx_entity_src_syn.pdbx_beg_seq_num 
_pdbx_entity_src_syn.pdbx_end_seq_num 
_pdbx_entity_src_syn.organism_scientific 
_pdbx_entity_src_syn.organism_common_name 
_pdbx_entity_src_syn.ncbi_taxonomy_id 
_pdbx_entity_src_syn.details 
1 1 sample ? ? ? ? ? SYNTHETIC 
2 1 sample ? ? ? ? ? SYNTHETIC 
# 
loop_
_chem_comp.id 
_chem_comp.type 
_chem_comp.mon_nstd_flag 
_chem_comp.name 
_chem_comp.pdbx_synonyms 
_chem_comp.formula 
_chem_comp.formula_weight 
A   'RNA linking' y "ADENOSINE-5'-MONOPHOSPHATE"         ?                                       'C10 H14 N5 O7 P' 347.221 
C   'RNA linking' y "CYTIDINE-5'-MONOPHOSPHATE"          ?                                       'C9 H14 N3 O8 P'  323.197 
DA  'DNA linking' y "2'-DEOXYADENOSINE-5'-MONOPHOSPHATE" ?                                       'C10 H14 N5 O6 P' 331.222 
DC  'DNA linking' y "2'-DEOXYCYTIDINE-5'-MONOPHOSPHATE"  ?                                       'C9 H14 N3 O7 P'  307.197 
DG  'DNA linking' y "2'-DEOXYGUANOSINE-5'-MONOPHOSPHATE" ?                                       'C10 H14 N5 O7 P' 347.221 
DT  'DNA linking' y "THYMIDINE-5'-MONOPHOSPHATE"         ?                                       'C10 H15 N2 O8 P' 322.208 
G   'RNA linking' y "GUANOSINE-5'-MONOPHOSPHATE"         ?                                       'C10 H14 N5 O8 P' 363.221 
T3P 'DNA linking' n "THYMIDINE-3'-PHOSPHATE"             
;ALPHA-ANOMERIC THYMIDINE-3'-PHOSPHATE
;
'C10 H15 N2 O8 P' 322.208 
U   'RNA linking' y "URIDINE-5'-MONOPHOSPHATE"           ?                                       'C9 H13 N2 O9 P'  324.181 
# 
loop_
_pdbx_poly_seq_scheme.asym_id 
_pdbx_poly_seq_scheme.entity_id 
_pdbx_poly_seq_scheme.seq_id 
_pdbx_poly_seq_scheme.mon_id 
_pdbx_poly_seq_scheme.ndb_seq_num 
_pdbx_poly_seq_scheme.pdb_seq_num 
_pdbx_poly_seq_scheme.auth_seq_num 
_pdbx_poly_seq_scheme.pdb_mon_id 
_pdbx_poly_seq_scheme.auth_mon_id 
_pdbx_poly_seq_scheme.pdb_strand_id 
_pdbx_poly_seq_scheme.pdb_ins_code 
_pdbx_poly_seq_scheme.hetero 
A 1 1 DA  1 1  1  DA  A A . n 
A 1 2 DT  2 2  2  DT  T A . n 
A 1 3 DG  3 3  3  DG  G A . n 
A 1 4 DG  4 4  4  DG  G A . n 
A 1 5 T3P 5 5  5  T3P X A . n 
A 1 6 DG  6 6  6  DG  G A . n 
A 1 7 DC  7 7  7  DC  C A . n 
A 1 8 DT  8 8  8  DT  T A . n 
A 1 9 DC  9 9  9  DC  C A . n 
B 2 1 G   1 10 10 G   G B . n 
B 2 2 A   2 11 11 A   A B . n 
B 2 3 G   3 12 12 G   G B . n 
B 2 4 C   4 13 13 C   C B . n 
B 2 5 A   5 14 14 A   A B . n 
B 2 6 C   6 15 15 C   C B . n 
B 2 7 C   7 16 16 C   C B . n 
B 2 8 A   8 17 17 A   A B . n 
B 2 9 U   9 18 18 U   U B . n 
# 
_cell.entry_id           1C2Q 
_cell.length_a           1.000 
_cell.length_b           1.000 
_cell.length_c           1.000 
_cell.angle_alpha        90.00 
_cell.angle_beta         90.00 
_cell.angle_gamma        90.00 
_cell.Z_PDB              1 
_cell.pdbx_unique_axis   ? 
# 
_symmetry.entry_id                         1C2Q 
_symmetry.space_group_name_H-M             'P 1' 
_symmetry.pdbx_full_space_group_name_H-M   ? 
_symmetry.cell_setting                     ? 
_symmetry.Int_Tables_number                1 
# 
_exptl.entry_id          1C2Q 
_exptl.method            'SOLUTION NMR' 
_exptl.crystals_number   ? 
# 
_struct.entry_id                  1C2Q 
_struct.title                     
'SOLUTION STRUCTURE OF A DNA.RNA HYBRID CONTAINING AN ALPHAT-ANOMERIC THYMIDINE AND POLARITY REVERSALS' 
_struct.pdbx_model_details        ? 
_struct.pdbx_CASP_flag            ? 
_struct.pdbx_model_type_details   'minimized average' 
# 
_struct_keywords.entry_id        1C2Q 
_struct_keywords.pdbx_keywords   'DNA-RNA HYBRID' 
_struct_keywords.text            
;DNA/RNA HYBRID, ALPHAT-ANOMERIC THYMIDINE, 3'-3'/5'-5' PHOSPHODIESTER LINKAGES, DNA-RNA HYBRID
;
# 
loop_
_struct_asym.id 
_struct_asym.pdbx_blank_PDB_chainid_flag 
_struct_asym.pdbx_modified 
_struct_asym.entity_id 
_struct_asym.details 
A N N 1 ? 
B N N 2 ? 
# 
loop_
_struct_ref.id 
_struct_ref.entity_id 
_struct_ref.db_name 
_struct_ref.db_code 
_struct_ref.pdbx_db_accession 
_struct_ref.pdbx_db_isoform 
_struct_ref.pdbx_seq_one_letter_code 
_struct_ref.pdbx_align_begin 
1 1 PDB 1C2Q 1C2Q ? ? ? 
2 2 PDB 1C2Q 1C2Q ? ? ? 
# 
loop_
_struct_ref_seq.align_id 
_struct_ref_seq.ref_id 
_struct_ref_seq.pdbx_PDB_id_code 
_struct_ref_seq.pdbx_strand_id 
_struct_ref_seq.seq_align_beg 
_struct_ref_seq.pdbx_seq_align_beg_ins_code 
_struct_ref_seq.seq_align_end 
_struct_ref_seq.pdbx_seq_align_end_ins_code 
_struct_ref_seq.pdbx_db_accession 
_struct_ref_seq.db_align_beg 
_struct_ref_seq.pdbx_db_align_beg_ins_code 
_struct_ref_seq.db_align_end 
_struct_ref_seq.pdbx_db_align_end_ins_code 
_struct_ref_seq.pdbx_auth_seq_align_beg 
_struct_ref_seq.pdbx_auth_seq_align_end 
1 1 1C2Q A 1 ? 9 ? 1C2Q 1  ? 9  ? 1  9  
2 2 1C2Q B 1 ? 9 ? 1C2Q 10 ? 18 ? 10 18 
# 
_pdbx_struct_assembly.id                   1 
_pdbx_struct_assembly.details              author_defined_assembly 
_pdbx_struct_assembly.method_details       ? 
_pdbx_struct_assembly.oligomeric_details   dimeric 
_pdbx_struct_assembly.oligomeric_count     2 
# 
_pdbx_struct_assembly_gen.assembly_id       1 
_pdbx_struct_assembly_gen.oper_expression   1 
_pdbx_struct_assembly_gen.asym_id_list      A,B 
# 
_pdbx_struct_oper_list.id                   1 
_pdbx_struct_oper_list.type                 'identity operation' 
_pdbx_struct_oper_list.name                 1_555 
_pdbx_struct_oper_list.symmetry_operation   x,y,z 
_pdbx_struct_oper_list.matrix[1][1]         1.0000000000 
_pdbx_struct_oper_list.matrix[1][2]         0.0000000000 
_pdbx_struct_oper_list.matrix[1][3]         0.0000000000 
_pdbx_struct_oper_list.vector[1]            0.0000000000 
_pdbx_struct_oper_list.matrix[2][1]         0.0000000000 
_pdbx_struct_oper_list.matrix[2][2]         1.0000000000 
_pdbx_struct_oper_list.matrix[2][3]         0.0000000000 
_pdbx_struct_oper_list.vector[2]            0.0000000000 
_pdbx_struct_oper_list.matrix[3][1]         0.0000000000 
_pdbx_struct_oper_list.matrix[3][2]         0.0000000000 
_pdbx_struct_oper_list.matrix[3][3]         1.0000000000 
_pdbx_struct_oper_list.vector[3]            0.0000000000 
# 
_struct_biol.id   1 
# 
loop_
_struct_conn.id 
_struct_conn.conn_type_id 
_struct_conn.pdbx_leaving_atom_flag 
_struct_conn.pdbx_PDB_id 
_struct_conn.ptnr1_label_asym_id 
_struct_conn.ptnr1_label_comp_id 
_struct_conn.ptnr1_label_seq_id 
_struct_conn.ptnr1_label_atom_id 
_struct_conn.pdbx_ptnr1_label_alt_id 
_struct_conn.pdbx_ptnr1_PDB_ins_code 
_struct_conn.pdbx_ptnr1_standard_comp_id 
_struct_conn.ptnr1_symmetry 
_struct_conn.ptnr2_label_asym_id 
_struct_conn.ptnr2_label_comp_id 
_struct_conn.ptnr2_label_seq_id 
_struct_conn.ptnr2_label_atom_id 
_struct_conn.pdbx_ptnr2_label_alt_id 
_struct_conn.pdbx_ptnr2_PDB_ins_code 
_struct_conn.ptnr1_auth_asym_id 
_struct_conn.ptnr1_auth_comp_id 
_struct_conn.ptnr1_auth_seq_id 
_struct_conn.ptnr2_auth_asym_id 
_struct_conn.ptnr2_auth_comp_id 
_struct_conn.ptnr2_auth_seq_id 
_struct_conn.ptnr2_symmetry 
_struct_conn.pdbx_ptnr3_label_atom_id 
_struct_conn.pdbx_ptnr3_label_seq_id 
_struct_conn.pdbx_ptnr3_label_comp_id 
_struct_conn.pdbx_ptnr3_label_asym_id 
_struct_conn.pdbx_ptnr3_label_alt_id 
_struct_conn.pdbx_ptnr3_PDB_ins_code 
_struct_conn.details 
_struct_conn.pdbx_dist_value 
_struct_conn.pdbx_value_order 
_struct_conn.pdbx_role 
covale1  covale both ? A DG  4 "O3'" ? ? ? 1_555 A T3P 5 P  ? ? A DG  4 A T3P 5  1_555 ? ? ? ? ? ? ?            1.614 ? ? 
covale2  covale one  ? A T3P 5 "O5'" ? ? ? 1_555 A DG  6 P  ? ? A T3P 5 A DG  6  1_555 ? ? ? ? ? ? ?            1.608 ? ? 
hydrog1  hydrog ?    ? A DA  1 N1    ? ? ? 1_555 B U   9 N3 ? ? A DA  1 B U   18 1_555 ? ? ? ? ? ? WATSON-CRICK ?     ? ? 
hydrog2  hydrog ?    ? A DA  1 N6    ? ? ? 1_555 B U   9 O4 ? ? A DA  1 B U   18 1_555 ? ? ? ? ? ? WATSON-CRICK ?     ? ? 
hydrog3  hydrog ?    ? A DT  2 N3    ? ? ? 1_555 B A   8 N1 ? ? A DT  2 B A   17 1_555 ? ? ? ? ? ? WATSON-CRICK ?     ? ? 
hydrog4  hydrog ?    ? A DT  2 O4    ? ? ? 1_555 B A   8 N6 ? ? A DT  2 B A   17 1_555 ? ? ? ? ? ? WATSON-CRICK ?     ? ? 
hydrog5  hydrog ?    ? A DG  3 N1    ? ? ? 1_555 B C   7 N3 ? ? A DG  3 B C   16 1_555 ? ? ? ? ? ? WATSON-CRICK ?     ? ? 
hydrog6  hydrog ?    ? A DG  3 N2    ? ? ? 1_555 B C   7 O2 ? ? A DG  3 B C   16 1_555 ? ? ? ? ? ? WATSON-CRICK ?     ? ? 
hydrog7  hydrog ?    ? A DG  3 O6    ? ? ? 1_555 B C   7 N4 ? ? A DG  3 B C   16 1_555 ? ? ? ? ? ? WATSON-CRICK ?     ? ? 
hydrog8  hydrog ?    ? A DG  4 N1    ? ? ? 1_555 B C   6 N3 ? ? A DG  4 B C   15 1_555 ? ? ? ? ? ? WATSON-CRICK ?     ? ? 
hydrog9  hydrog ?    ? A DG  4 N2    ? ? ? 1_555 B C   6 O2 ? ? A DG  4 B C   15 1_555 ? ? ? ? ? ? WATSON-CRICK ?     ? ? 
hydrog10 hydrog ?    ? A DG  4 O6    ? ? ? 1_555 B C   6 N4 ? ? A DG  4 B C   15 1_555 ? ? ? ? ? ? WATSON-CRICK ?     ? ? 
hydrog11 hydrog ?    ? A T3P 5 N3    ? ? ? 1_555 B A   5 N1 ? ? A T3P 5 B A   14 1_555 ? ? ? ? ? ? WATSON-CRICK ?     ? ? 
hydrog12 hydrog ?    ? A T3P 5 O4    ? ? ? 1_555 B A   5 N6 ? ? A T3P 5 B A   14 1_555 ? ? ? ? ? ? WATSON-CRICK ?     ? ? 
hydrog13 hydrog ?    ? A DG  6 N1    ? ? ? 1_555 B C   4 N3 ? ? A DG  6 B C   13 1_555 ? ? ? ? ? ? WATSON-CRICK ?     ? ? 
hydrog14 hydrog ?    ? A DG  6 N2    ? ? ? 1_555 B C   4 O2 ? ? A DG  6 B C   13 1_555 ? ? ? ? ? ? WATSON-CRICK ?     ? ? 
hydrog15 hydrog ?    ? A DG  6 O6    ? ? ? 1_555 B C   4 N4 ? ? A DG  6 B C   13 1_555 ? ? ? ? ? ? WATSON-CRICK ?     ? ? 
hydrog16 hydrog ?    ? A DC  7 N3    ? ? ? 1_555 B G   3 N1 ? ? A DC  7 B G   12 1_555 ? ? ? ? ? ? WATSON-CRICK ?     ? ? 
hydrog17 hydrog ?    ? A DC  7 N4    ? ? ? 1_555 B G   3 O6 ? ? A DC  7 B G   12 1_555 ? ? ? ? ? ? WATSON-CRICK ?     ? ? 
hydrog18 hydrog ?    ? A DC  7 O2    ? ? ? 1_555 B G   3 N2 ? ? A DC  7 B G   12 1_555 ? ? ? ? ? ? WATSON-CRICK ?     ? ? 
hydrog19 hydrog ?    ? A DT  8 N3    ? ? ? 1_555 B A   2 N1 ? ? A DT  8 B A   11 1_555 ? ? ? ? ? ? WATSON-CRICK ?     ? ? 
hydrog20 hydrog ?    ? A DT  8 O4    ? ? ? 1_555 B A   2 N6 ? ? A DT  8 B A   11 1_555 ? ? ? ? ? ? WATSON-CRICK ?     ? ? 
hydrog21 hydrog ?    ? A DC  9 N3    ? ? ? 1_555 B G   1 N1 ? ? A DC  9 B G   10 1_555 ? ? ? ? ? ? WATSON-CRICK ?     ? ? 
hydrog22 hydrog ?    ? A DC  9 N4    ? ? ? 1_555 B G   1 O6 ? ? A DC  9 B G   10 1_555 ? ? ? ? ? ? WATSON-CRICK ?     ? ? 
hydrog23 hydrog ?    ? A DC  9 O2    ? ? ? 1_555 B G   1 N2 ? ? A DC  9 B G   10 1_555 ? ? ? ? ? ? WATSON-CRICK ?     ? ? 
# 
loop_
_struct_conn_type.id 
_struct_conn_type.criteria 
_struct_conn_type.reference 
covale ? ? 
hydrog ? ? 
# 
loop_
_pdbx_validate_rmsd_angle.id 
_pdbx_validate_rmsd_angle.PDB_model_num 
_pdbx_validate_rmsd_angle.auth_atom_id_1 
_pdbx_validate_rmsd_angle.auth_asym_id_1 
_pdbx_validate_rmsd_angle.auth_comp_id_1 
_pdbx_validate_rmsd_angle.auth_seq_id_1 
_pdbx_validate_rmsd_angle.PDB_ins_code_1 
_pdbx_validate_rmsd_angle.label_alt_id_1 
_pdbx_validate_rmsd_angle.auth_atom_id_2 
_pdbx_validate_rmsd_angle.auth_asym_id_2 
_pdbx_validate_rmsd_angle.auth_comp_id_2 
_pdbx_validate_rmsd_angle.auth_seq_id_2 
_pdbx_validate_rmsd_angle.PDB_ins_code_2 
_pdbx_validate_rmsd_angle.label_alt_id_2 
_pdbx_validate_rmsd_angle.auth_atom_id_3 
_pdbx_validate_rmsd_angle.auth_asym_id_3 
_pdbx_validate_rmsd_angle.auth_comp_id_3 
_pdbx_validate_rmsd_angle.auth_seq_id_3 
_pdbx_validate_rmsd_angle.PDB_ins_code_3 
_pdbx_validate_rmsd_angle.label_alt_id_3 
_pdbx_validate_rmsd_angle.angle_value 
_pdbx_validate_rmsd_angle.angle_target_value 
_pdbx_validate_rmsd_angle.angle_deviation 
_pdbx_validate_rmsd_angle.angle_standard_deviation 
_pdbx_validate_rmsd_angle.linker_flag 
1  1 "O4'" A DA 1  ? ? "C4'" A DA  1  ? ? "C3'" A DA  1  ? ? 109.70 106.00 3.70  0.60 N 
2  1 "O4'" A DA 1  ? ? "C1'" A DA  1  ? ? N9    A DA  1  ? ? 110.76 108.30 2.46  0.30 N 
3  1 "O4'" A DT 2  ? ? "C1'" A DT  2  ? ? N1    A DT  2  ? ? 110.93 108.30 2.63  0.30 N 
4  1 "O4'" A DG 3  ? ? "C1'" A DG  3  ? ? N9    A DG  3  ? ? 111.49 108.30 3.19  0.30 N 
5  1 "O4'" A DG 4  ? ? "C4'" A DG  4  ? ? "C3'" A DG  4  ? ? 109.66 106.00 3.66  0.60 N 
6  1 "O4'" A DG 4  ? ? "C1'" A DG  4  ? ? N9    A DG  4  ? ? 112.48 108.30 4.18  0.30 N 
7  1 "O3'" A DG 4  ? ? P     A T3P 5  ? ? "O5'" A T3P 5  ? ? 157.17 104.00 53.17 1.90 Y 
8  1 "O4'" A DG 6  ? ? "C4'" A DG  6  ? ? "C3'" A DG  6  ? ? 111.30 106.00 5.30  0.60 N 
9  1 "C3'" A DG 6  ? ? "C2'" A DG  6  ? ? "C1'" A DG  6  ? ? 110.75 102.50 8.25  1.20 N 
10 1 "O4'" A DG 6  ? ? "C1'" A DG  6  ? ? N9    A DG  6  ? ? 111.95 108.30 3.65  0.30 N 
11 1 "O4'" A DC 7  ? ? "C4'" A DC  7  ? ? "C3'" A DC  7  ? ? 110.21 106.00 4.21  0.60 N 
12 1 "C5'" A DC 7  ? ? "C4'" A DC  7  ? ? "O4'" A DC  7  ? ? 116.94 109.80 7.14  1.10 N 
13 1 "O4'" A DT 8  ? ? "C1'" A DT  8  ? ? N1    A DT  8  ? ? 111.35 108.30 3.05  0.30 N 
14 1 C6    A DT 8  ? ? C5    A DT  8  ? ? C7    A DT  8  ? ? 119.08 122.90 -3.82 0.60 N 
15 1 "O4'" A DC 9  ? ? "C1'" A DC  9  ? ? N1    A DC  9  ? ? 112.70 108.30 4.40  0.30 N 
16 1 "O4'" B G  10 ? ? "C1'" B G   10 ? ? N9    B G   10 ? ? 114.40 108.50 5.90  0.70 N 
17 1 "O4'" B A  11 ? ? "C1'" B A   11 ? ? N9    B A   11 ? ? 112.80 108.50 4.30  0.70 N 
18 1 N1    B A  11 ? ? C6    B A   11 ? ? N6    B A   11 ? ? 114.80 118.60 -3.80 0.60 N 
19 1 "O4'" B G  12 ? ? "C1'" B G   12 ? ? N9    B G   12 ? ? 115.14 108.50 6.64  0.70 N 
20 1 "O4'" B C  13 ? ? "C1'" B C   13 ? ? N1    B C   13 ? ? 114.75 108.50 6.25  0.70 N 
21 1 "O4'" B C  15 ? ? "C1'" B C   15 ? ? N1    B C   15 ? ? 114.91 108.50 6.41  0.70 N 
22 1 "O4'" B C  16 ? ? "C1'" B C   16 ? ? N1    B C   16 ? ? 115.39 108.50 6.89  0.70 N 
23 1 "O4'" B U  18 ? ? "C1'" B U   18 ? ? N1    B U   18 ? ? 113.29 108.50 4.79  0.70 N 
# 
_pdbx_validate_chiral.id              1 
_pdbx_validate_chiral.PDB_model_num   1 
_pdbx_validate_chiral.auth_atom_id    "C1'" 
_pdbx_validate_chiral.label_alt_id    ? 
_pdbx_validate_chiral.auth_asym_id    A 
_pdbx_validate_chiral.auth_comp_id    T3P 
_pdbx_validate_chiral.auth_seq_id     5 
_pdbx_validate_chiral.PDB_ins_code    ? 
_pdbx_validate_chiral.details         'WRONG HAND' 
_pdbx_validate_chiral.omega           . 
# 
loop_
_pdbx_validate_planes.id 
_pdbx_validate_planes.PDB_model_num 
_pdbx_validate_planes.auth_comp_id 
_pdbx_validate_planes.auth_asym_id 
_pdbx_validate_planes.auth_seq_id 
_pdbx_validate_planes.PDB_ins_code 
_pdbx_validate_planes.label_alt_id 
_pdbx_validate_planes.rmsd 
_pdbx_validate_planes.type 
1 1 DG A 6  ? ? 0.070 'SIDE CHAIN' 
2 1 A  B 11 ? ? 0.057 'SIDE CHAIN' 
3 1 A  B 14 ? ? 0.097 'SIDE CHAIN' 
4 1 A  B 17 ? ? 0.079 'SIDE CHAIN' 
# 
_pdbx_struct_mod_residue.id               1 
_pdbx_struct_mod_residue.label_asym_id    A 
_pdbx_struct_mod_residue.label_comp_id    T3P 
_pdbx_struct_mod_residue.label_seq_id     5 
_pdbx_struct_mod_residue.auth_asym_id     A 
_pdbx_struct_mod_residue.auth_comp_id     T3P 
_pdbx_struct_mod_residue.auth_seq_id      5 
_pdbx_struct_mod_residue.PDB_ins_code     ? 
_pdbx_struct_mod_residue.parent_comp_id   DT 
_pdbx_struct_mod_residue.details          "THYMIDINE-3'-PHOSPHATE" 
# 
_pdbx_nmr_ensemble.entry_id                             1C2Q 
_pdbx_nmr_ensemble.conformers_calculated_total_number   ? 
_pdbx_nmr_ensemble.conformers_submitted_total_number    1 
_pdbx_nmr_ensemble.conformer_selection_criteria         ? 
# 
_pdbx_nmr_representative.entry_id             1C2Q 
_pdbx_nmr_representative.conformer_id         1 
_pdbx_nmr_representative.selection_criteria   'minimized average structure' 
# 
loop_
_pdbx_nmr_sample_details.solution_id 
_pdbx_nmr_sample_details.contents 
_pdbx_nmr_sample_details.solvent_system 
1 '0.89 MM HYBRID, 50 MM NACL, 10 MM PHOSPHATE BUFFER, 0.5 MM EDTA, PH* 6.6, D2O'            ? 
2 '0.89 MM HYBRID, 50 MM NACL, 10 MM PHOSPHATE BUFFER, 0.5 MM EDTA, PH 6.7, 90% H2O/10% D2O' ? 
# 
loop_
_pdbx_nmr_exptl_sample_conditions.conditions_id 
_pdbx_nmr_exptl_sample_conditions.temperature 
_pdbx_nmr_exptl_sample_conditions.pressure 
_pdbx_nmr_exptl_sample_conditions.pH 
_pdbx_nmr_exptl_sample_conditions.ionic_strength 
_pdbx_nmr_exptl_sample_conditions.pressure_units 
_pdbx_nmr_exptl_sample_conditions.temperature_units 
1 298 AMBIENT 6.6 ? ? K 
2 298 AMBIENT 6.7 ? ? K 
# 
loop_
_pdbx_nmr_exptl.experiment_id 
_pdbx_nmr_exptl.conditions_id 
_pdbx_nmr_exptl.type 
_pdbx_nmr_exptl.solution_id 
1 1 '2D NOESY'                        1 
2 1 DQF-COSY                          1 
3 1 '31P-1H CORRELATION SPECTROSCOPY' 1 
4 2 '2D NOESY'                        2 
# 
_pdbx_nmr_details.entry_id   1C2Q 
_pdbx_nmr_details.text       'THIS STRUCTURE WAS DETERMINED USING STANDARD 2D HOMONUCLEAR NMR TECHNIQUES' 
# 
_pdbx_nmr_refine.entry_id           1C2Q 
_pdbx_nmr_refine.method             'SIMULATED ANNEALING/MOLECULAR DYNAMICS' 
_pdbx_nmr_refine.details            
;THE STRUCTURE IS BASED ON A TOTAL OF 405 RESTRAINTS: 268 RANDMARDI DERIVED INTERPROTON DISTANCE RESTRAINTS (NON-EXCHANGEABLE: 246; EXCHANGEABLE: 22); 45 DEOXYRIBOSE ENDOCYCLIC TORSION ANGLE RESTRAINTS DERIVED FROM PSEUDOROTATION ANALYSIS; 45 RIBOSE ENDOCYCLIC TORSION ANGLE RESTRAINTS (BROAD, N-TYPE); 46 WATSON-CRICK DISTANCE AND ANGLE RESTRAINTS. THE FINAL AVERAGE STRUCTURE WAS OBTAINED BY COORDINATE AVERAGING OF THE FINAL ENSEMBLE OF RMD/REM STRUCTURES, FOLLOWED BY RESTRAINED ENERGY MINIMIZATION. ALL STRUCTURE CALCULATIONS WERE PERFORMED USING THE SANDER PROGRAM WITHIN AMBER 4.1, AND THE 1994 ALL ATOM NUCLEIC ACID PARAMETERIZATION. ALL CALCULATIONS WERE CONDUCTED IN VACUO, USING A DISTANCE DEPENDENT DIELECTRIC CONSTANT AND 30 A CUT-OFF FOR NON-BONDED INTERACTIONS.
;
_pdbx_nmr_refine.software_ordinal   1 
# 
loop_
_pdbx_nmr_software.classification 
_pdbx_nmr_software.name 
_pdbx_nmr_software.version 
_pdbx_nmr_software.authors 
_pdbx_nmr_software.ordinal 
collection                    UXNMR         2.1  BRUKER                    1 
'iterative matrix relaxation' MARDIGRAS     3.2  'BORGIAS & JAMES, 1989'   2 
'data analysis'               CORMA         5.2  'BORGIAS & JAMES, 1988'   3 
'data analysis'               Sparky        3.33 UCSF                      4 
refinement                    Amber         4.1  'PEARLMAN ET AL., 1995'   5 
'data analysis'               SPHINX/LINSHA ?    'WIDMER & WUTHRICH, 1987' 6 
'data analysis'               Curves        5.1  'LAVERY & SKLENAR, 1996'  7 
'structure solution'          Amber         4.1  'PEARLMAN ET AL., 1995'   8 
# 
loop_
_chem_comp_atom.comp_id 
_chem_comp_atom.atom_id 
_chem_comp_atom.type_symbol 
_chem_comp_atom.pdbx_aromatic_flag 
_chem_comp_atom.pdbx_stereo_config 
_chem_comp_atom.pdbx_ordinal 
A   OP3    O N N 1   
A   P      P N N 2   
A   OP1    O N N 3   
A   OP2    O N N 4   
A   "O5'"  O N N 5   
A   "C5'"  C N N 6   
A   "C4'"  C N R 7   
A   "O4'"  O N N 8   
A   "C3'"  C N S 9   
A   "O3'"  O N N 10  
A   "C2'"  C N R 11  
A   "O2'"  O N N 12  
A   "C1'"  C N R 13  
A   N9     N Y N 14  
A   C8     C Y N 15  
A   N7     N Y N 16  
A   C5     C Y N 17  
A   C6     C Y N 18  
A   N6     N N N 19  
A   N1     N Y N 20  
A   C2     C Y N 21  
A   N3     N Y N 22  
A   C4     C Y N 23  
A   HOP3   H N N 24  
A   HOP2   H N N 25  
A   "H5'"  H N N 26  
A   "H5''" H N N 27  
A   "H4'"  H N N 28  
A   "H3'"  H N N 29  
A   "HO3'" H N N 30  
A   "H2'"  H N N 31  
A   "HO2'" H N N 32  
A   "H1'"  H N N 33  
A   H8     H N N 34  
A   H61    H N N 35  
A   H62    H N N 36  
A   H2     H N N 37  
C   OP3    O N N 38  
C   P      P N N 39  
C   OP1    O N N 40  
C   OP2    O N N 41  
C   "O5'"  O N N 42  
C   "C5'"  C N N 43  
C   "C4'"  C N R 44  
C   "O4'"  O N N 45  
C   "C3'"  C N S 46  
C   "O3'"  O N N 47  
C   "C2'"  C N R 48  
C   "O2'"  O N N 49  
C   "C1'"  C N R 50  
C   N1     N N N 51  
C   C2     C N N 52  
C   O2     O N N 53  
C   N3     N N N 54  
C   C4     C N N 55  
C   N4     N N N 56  
C   C5     C N N 57  
C   C6     C N N 58  
C   HOP3   H N N 59  
C   HOP2   H N N 60  
C   "H5'"  H N N 61  
C   "H5''" H N N 62  
C   "H4'"  H N N 63  
C   "H3'"  H N N 64  
C   "HO3'" H N N 65  
C   "H2'"  H N N 66  
C   "HO2'" H N N 67  
C   "H1'"  H N N 68  
C   H41    H N N 69  
C   H42    H N N 70  
C   H5     H N N 71  
C   H6     H N N 72  
DA  OP3    O N N 73  
DA  P      P N N 74  
DA  OP1    O N N 75  
DA  OP2    O N N 76  
DA  "O5'"  O N N 77  
DA  "C5'"  C N N 78  
DA  "C4'"  C N R 79  
DA  "O4'"  O N N 80  
DA  "C3'"  C N S 81  
DA  "O3'"  O N N 82  
DA  "C2'"  C N N 83  
DA  "C1'"  C N R 84  
DA  N9     N Y N 85  
DA  C8     C Y N 86  
DA  N7     N Y N 87  
DA  C5     C Y N 88  
DA  C6     C Y N 89  
DA  N6     N N N 90  
DA  N1     N Y N 91  
DA  C2     C Y N 92  
DA  N3     N Y N 93  
DA  C4     C Y N 94  
DA  HOP3   H N N 95  
DA  HOP2   H N N 96  
DA  "H5'"  H N N 97  
DA  "H5''" H N N 98  
DA  "H4'"  H N N 99  
DA  "H3'"  H N N 100 
DA  "HO3'" H N N 101 
DA  "H2'"  H N N 102 
DA  "H2''" H N N 103 
DA  "H1'"  H N N 104 
DA  H8     H N N 105 
DA  H61    H N N 106 
DA  H62    H N N 107 
DA  H2     H N N 108 
DC  OP3    O N N 109 
DC  P      P N N 110 
DC  OP1    O N N 111 
DC  OP2    O N N 112 
DC  "O5'"  O N N 113 
DC  "C5'"  C N N 114 
DC  "C4'"  C N R 115 
DC  "O4'"  O N N 116 
DC  "C3'"  C N S 117 
DC  "O3'"  O N N 118 
DC  "C2'"  C N N 119 
DC  "C1'"  C N R 120 
DC  N1     N N N 121 
DC  C2     C N N 122 
DC  O2     O N N 123 
DC  N3     N N N 124 
DC  C4     C N N 125 
DC  N4     N N N 126 
DC  C5     C N N 127 
DC  C6     C N N 128 
DC  HOP3   H N N 129 
DC  HOP2   H N N 130 
DC  "H5'"  H N N 131 
DC  "H5''" H N N 132 
DC  "H4'"  H N N 133 
DC  "H3'"  H N N 134 
DC  "HO3'" H N N 135 
DC  "H2'"  H N N 136 
DC  "H2''" H N N 137 
DC  "H1'"  H N N 138 
DC  H41    H N N 139 
DC  H42    H N N 140 
DC  H5     H N N 141 
DC  H6     H N N 142 
DG  OP3    O N N 143 
DG  P      P N N 144 
DG  OP1    O N N 145 
DG  OP2    O N N 146 
DG  "O5'"  O N N 147 
DG  "C5'"  C N N 148 
DG  "C4'"  C N R 149 
DG  "O4'"  O N N 150 
DG  "C3'"  C N S 151 
DG  "O3'"  O N N 152 
DG  "C2'"  C N N 153 
DG  "C1'"  C N R 154 
DG  N9     N Y N 155 
DG  C8     C Y N 156 
DG  N7     N Y N 157 
DG  C5     C Y N 158 
DG  C6     C N N 159 
DG  O6     O N N 160 
DG  N1     N N N 161 
DG  C2     C N N 162 
DG  N2     N N N 163 
DG  N3     N N N 164 
DG  C4     C Y N 165 
DG  HOP3   H N N 166 
DG  HOP2   H N N 167 
DG  "H5'"  H N N 168 
DG  "H5''" H N N 169 
DG  "H4'"  H N N 170 
DG  "H3'"  H N N 171 
DG  "HO3'" H N N 172 
DG  "H2'"  H N N 173 
DG  "H2''" H N N 174 
DG  "H1'"  H N N 175 
DG  H8     H N N 176 
DG  H1     H N N 177 
DG  H21    H N N 178 
DG  H22    H N N 179 
DT  OP3    O N N 180 
DT  P      P N N 181 
DT  OP1    O N N 182 
DT  OP2    O N N 183 
DT  "O5'"  O N N 184 
DT  "C5'"  C N N 185 
DT  "C4'"  C N R 186 
DT  "O4'"  O N N 187 
DT  "C3'"  C N S 188 
DT  "O3'"  O N N 189 
DT  "C2'"  C N N 190 
DT  "C1'"  C N R 191 
DT  N1     N N N 192 
DT  C2     C N N 193 
DT  O2     O N N 194 
DT  N3     N N N 195 
DT  C4     C N N 196 
DT  O4     O N N 197 
DT  C5     C N N 198 
DT  C7     C N N 199 
DT  C6     C N N 200 
DT  HOP3   H N N 201 
DT  HOP2   H N N 202 
DT  "H5'"  H N N 203 
DT  "H5''" H N N 204 
DT  "H4'"  H N N 205 
DT  "H3'"  H N N 206 
DT  "HO3'" H N N 207 
DT  "H2'"  H N N 208 
DT  "H2''" H N N 209 
DT  "H1'"  H N N 210 
DT  H3     H N N 211 
DT  H71    H N N 212 
DT  H72    H N N 213 
DT  H73    H N N 214 
DT  H6     H N N 215 
G   OP3    O N N 216 
G   P      P N N 217 
G   OP1    O N N 218 
G   OP2    O N N 219 
G   "O5'"  O N N 220 
G   "C5'"  C N N 221 
G   "C4'"  C N R 222 
G   "O4'"  O N N 223 
G   "C3'"  C N S 224 
G   "O3'"  O N N 225 
G   "C2'"  C N R 226 
G   "O2'"  O N N 227 
G   "C1'"  C N R 228 
G   N9     N Y N 229 
G   C8     C Y N 230 
G   N7     N Y N 231 
G   C5     C Y N 232 
G   C6     C N N 233 
G   O6     O N N 234 
G   N1     N N N 235 
G   C2     C N N 236 
G   N2     N N N 237 
G   N3     N N N 238 
G   C4     C Y N 239 
G   HOP3   H N N 240 
G   HOP2   H N N 241 
G   "H5'"  H N N 242 
G   "H5''" H N N 243 
G   "H4'"  H N N 244 
G   "H3'"  H N N 245 
G   "HO3'" H N N 246 
G   "H2'"  H N N 247 
G   "HO2'" H N N 248 
G   "H1'"  H N N 249 
G   H8     H N N 250 
G   H1     H N N 251 
G   H21    H N N 252 
G   H22    H N N 253 
T3P P      P N N 254 
T3P OP1    O N N 255 
T3P OP2    O N N 256 
T3P OP3    O N N 257 
T3P "O5'"  O N N 258 
T3P "C5'"  C N N 259 
T3P "C4'"  C N R 260 
T3P "O4'"  O N N 261 
T3P "C3'"  C N S 262 
T3P "O3'"  O N N 263 
T3P "C2'"  C N N 264 
T3P "C1'"  C N R 265 
T3P N1     N N N 266 
T3P C2     C N N 267 
T3P O2     O N N 268 
T3P N3     N N N 269 
T3P C4     C N N 270 
T3P O4     O N N 271 
T3P C5     C N N 272 
T3P C5M    C N N 273 
T3P C6     C N N 274 
T3P HOP2   H N N 275 
T3P HOP3   H N N 276 
T3P "H5'"  H N N 277 
T3P "H5'1" H N N 278 
T3P "H5''" H N N 279 
T3P "H4'"  H N N 280 
T3P "H3'"  H N N 281 
T3P "H2'"  H N N 282 
T3P "H2''" H N N 283 
T3P "H1'"  H N N 284 
T3P H3     H N N 285 
T3P H51    H N N 286 
T3P H52    H N N 287 
T3P H53    H N N 288 
T3P H6     H N N 289 
U   OP3    O N N 290 
U   P      P N N 291 
U   OP1    O N N 292 
U   OP2    O N N 293 
U   "O5'"  O N N 294 
U   "C5'"  C N N 295 
U   "C4'"  C N R 296 
U   "O4'"  O N N 297 
U   "C3'"  C N S 298 
U   "O3'"  O N N 299 
U   "C2'"  C N R 300 
U   "O2'"  O N N 301 
U   "C1'"  C N R 302 
U   N1     N N N 303 
U   C2     C N N 304 
U   O2     O N N 305 
U   N3     N N N 306 
U   C4     C N N 307 
U   O4     O N N 308 
U   C5     C N N 309 
U   C6     C N N 310 
U   HOP3   H N N 311 
U   HOP2   H N N 312 
U   "H5'"  H N N 313 
U   "H5''" H N N 314 
U   "H4'"  H N N 315 
U   "H3'"  H N N 316 
U   "HO3'" H N N 317 
U   "H2'"  H N N 318 
U   "HO2'" H N N 319 
U   "H1'"  H N N 320 
U   H3     H N N 321 
U   H5     H N N 322 
U   H6     H N N 323 
# 
loop_
_chem_comp_bond.comp_id 
_chem_comp_bond.atom_id_1 
_chem_comp_bond.atom_id_2 
_chem_comp_bond.value_order 
_chem_comp_bond.pdbx_aromatic_flag 
_chem_comp_bond.pdbx_stereo_config 
_chem_comp_bond.pdbx_ordinal 
A   OP3   P      sing N N 1   
A   OP3   HOP3   sing N N 2   
A   P     OP1    doub N N 3   
A   P     OP2    sing N N 4   
A   P     "O5'"  sing N N 5   
A   OP2   HOP2   sing N N 6   
A   "O5'" "C5'"  sing N N 7   
A   "C5'" "C4'"  sing N N 8   
A   "C5'" "H5'"  sing N N 9   
A   "C5'" "H5''" sing N N 10  
A   "C4'" "O4'"  sing N N 11  
A   "C4'" "C3'"  sing N N 12  
A   "C4'" "H4'"  sing N N 13  
A   "O4'" "C1'"  sing N N 14  
A   "C3'" "O3'"  sing N N 15  
A   "C3'" "C2'"  sing N N 16  
A   "C3'" "H3'"  sing N N 17  
A   "O3'" "HO3'" sing N N 18  
A   "C2'" "O2'"  sing N N 19  
A   "C2'" "C1'"  sing N N 20  
A   "C2'" "H2'"  sing N N 21  
A   "O2'" "HO2'" sing N N 22  
A   "C1'" N9     sing N N 23  
A   "C1'" "H1'"  sing N N 24  
A   N9    C8     sing Y N 25  
A   N9    C4     sing Y N 26  
A   C8    N7     doub Y N 27  
A   C8    H8     sing N N 28  
A   N7    C5     sing Y N 29  
A   C5    C6     sing Y N 30  
A   C5    C4     doub Y N 31  
A   C6    N6     sing N N 32  
A   C6    N1     doub Y N 33  
A   N6    H61    sing N N 34  
A   N6    H62    sing N N 35  
A   N1    C2     sing Y N 36  
A   C2    N3     doub Y N 37  
A   C2    H2     sing N N 38  
A   N3    C4     sing Y N 39  
C   OP3   P      sing N N 40  
C   OP3   HOP3   sing N N 41  
C   P     OP1    doub N N 42  
C   P     OP2    sing N N 43  
C   P     "O5'"  sing N N 44  
C   OP2   HOP2   sing N N 45  
C   "O5'" "C5'"  sing N N 46  
C   "C5'" "C4'"  sing N N 47  
C   "C5'" "H5'"  sing N N 48  
C   "C5'" "H5''" sing N N 49  
C   "C4'" "O4'"  sing N N 50  
C   "C4'" "C3'"  sing N N 51  
C   "C4'" "H4'"  sing N N 52  
C   "O4'" "C1'"  sing N N 53  
C   "C3'" "O3'"  sing N N 54  
C   "C3'" "C2'"  sing N N 55  
C   "C3'" "H3'"  sing N N 56  
C   "O3'" "HO3'" sing N N 57  
C   "C2'" "O2'"  sing N N 58  
C   "C2'" "C1'"  sing N N 59  
C   "C2'" "H2'"  sing N N 60  
C   "O2'" "HO2'" sing N N 61  
C   "C1'" N1     sing N N 62  
C   "C1'" "H1'"  sing N N 63  
C   N1    C2     sing N N 64  
C   N1    C6     sing N N 65  
C   C2    O2     doub N N 66  
C   C2    N3     sing N N 67  
C   N3    C4     doub N N 68  
C   C4    N4     sing N N 69  
C   C4    C5     sing N N 70  
C   N4    H41    sing N N 71  
C   N4    H42    sing N N 72  
C   C5    C6     doub N N 73  
C   C5    H5     sing N N 74  
C   C6    H6     sing N N 75  
DA  OP3   P      sing N N 76  
DA  OP3   HOP3   sing N N 77  
DA  P     OP1    doub N N 78  
DA  P     OP2    sing N N 79  
DA  P     "O5'"  sing N N 80  
DA  OP2   HOP2   sing N N 81  
DA  "O5'" "C5'"  sing N N 82  
DA  "C5'" "C4'"  sing N N 83  
DA  "C5'" "H5'"  sing N N 84  
DA  "C5'" "H5''" sing N N 85  
DA  "C4'" "O4'"  sing N N 86  
DA  "C4'" "C3'"  sing N N 87  
DA  "C4'" "H4'"  sing N N 88  
DA  "O4'" "C1'"  sing N N 89  
DA  "C3'" "O3'"  sing N N 90  
DA  "C3'" "C2'"  sing N N 91  
DA  "C3'" "H3'"  sing N N 92  
DA  "O3'" "HO3'" sing N N 93  
DA  "C2'" "C1'"  sing N N 94  
DA  "C2'" "H2'"  sing N N 95  
DA  "C2'" "H2''" sing N N 96  
DA  "C1'" N9     sing N N 97  
DA  "C1'" "H1'"  sing N N 98  
DA  N9    C8     sing Y N 99  
DA  N9    C4     sing Y N 100 
DA  C8    N7     doub Y N 101 
DA  C8    H8     sing N N 102 
DA  N7    C5     sing Y N 103 
DA  C5    C6     sing Y N 104 
DA  C5    C4     doub Y N 105 
DA  C6    N6     sing N N 106 
DA  C6    N1     doub Y N 107 
DA  N6    H61    sing N N 108 
DA  N6    H62    sing N N 109 
DA  N1    C2     sing Y N 110 
DA  C2    N3     doub Y N 111 
DA  C2    H2     sing N N 112 
DA  N3    C4     sing Y N 113 
DC  OP3   P      sing N N 114 
DC  OP3   HOP3   sing N N 115 
DC  P     OP1    doub N N 116 
DC  P     OP2    sing N N 117 
DC  P     "O5'"  sing N N 118 
DC  OP2   HOP2   sing N N 119 
DC  "O5'" "C5'"  sing N N 120 
DC  "C5'" "C4'"  sing N N 121 
DC  "C5'" "H5'"  sing N N 122 
DC  "C5'" "H5''" sing N N 123 
DC  "C4'" "O4'"  sing N N 124 
DC  "C4'" "C3'"  sing N N 125 
DC  "C4'" "H4'"  sing N N 126 
DC  "O4'" "C1'"  sing N N 127 
DC  "C3'" "O3'"  sing N N 128 
DC  "C3'" "C2'"  sing N N 129 
DC  "C3'" "H3'"  sing N N 130 
DC  "O3'" "HO3'" sing N N 131 
DC  "C2'" "C1'"  sing N N 132 
DC  "C2'" "H2'"  sing N N 133 
DC  "C2'" "H2''" sing N N 134 
DC  "C1'" N1     sing N N 135 
DC  "C1'" "H1'"  sing N N 136 
DC  N1    C2     sing N N 137 
DC  N1    C6     sing N N 138 
DC  C2    O2     doub N N 139 
DC  C2    N3     sing N N 140 
DC  N3    C4     doub N N 141 
DC  C4    N4     sing N N 142 
DC  C4    C5     sing N N 143 
DC  N4    H41    sing N N 144 
DC  N4    H42    sing N N 145 
DC  C5    C6     doub N N 146 
DC  C5    H5     sing N N 147 
DC  C6    H6     sing N N 148 
DG  OP3   P      sing N N 149 
DG  OP3   HOP3   sing N N 150 
DG  P     OP1    doub N N 151 
DG  P     OP2    sing N N 152 
DG  P     "O5'"  sing N N 153 
DG  OP2   HOP2   sing N N 154 
DG  "O5'" "C5'"  sing N N 155 
DG  "C5'" "C4'"  sing N N 156 
DG  "C5'" "H5'"  sing N N 157 
DG  "C5'" "H5''" sing N N 158 
DG  "C4'" "O4'"  sing N N 159 
DG  "C4'" "C3'"  sing N N 160 
DG  "C4'" "H4'"  sing N N 161 
DG  "O4'" "C1'"  sing N N 162 
DG  "C3'" "O3'"  sing N N 163 
DG  "C3'" "C2'"  sing N N 164 
DG  "C3'" "H3'"  sing N N 165 
DG  "O3'" "HO3'" sing N N 166 
DG  "C2'" "C1'"  sing N N 167 
DG  "C2'" "H2'"  sing N N 168 
DG  "C2'" "H2''" sing N N 169 
DG  "C1'" N9     sing N N 170 
DG  "C1'" "H1'"  sing N N 171 
DG  N9    C8     sing Y N 172 
DG  N9    C4     sing Y N 173 
DG  C8    N7     doub Y N 174 
DG  C8    H8     sing N N 175 
DG  N7    C5     sing Y N 176 
DG  C5    C6     sing N N 177 
DG  C5    C4     doub Y N 178 
DG  C6    O6     doub N N 179 
DG  C6    N1     sing N N 180 
DG  N1    C2     sing N N 181 
DG  N1    H1     sing N N 182 
DG  C2    N2     sing N N 183 
DG  C2    N3     doub N N 184 
DG  N2    H21    sing N N 185 
DG  N2    H22    sing N N 186 
DG  N3    C4     sing N N 187 
DT  OP3   P      sing N N 188 
DT  OP3   HOP3   sing N N 189 
DT  P     OP1    doub N N 190 
DT  P     OP2    sing N N 191 
DT  P     "O5'"  sing N N 192 
DT  OP2   HOP2   sing N N 193 
DT  "O5'" "C5'"  sing N N 194 
DT  "C5'" "C4'"  sing N N 195 
DT  "C5'" "H5'"  sing N N 196 
DT  "C5'" "H5''" sing N N 197 
DT  "C4'" "O4'"  sing N N 198 
DT  "C4'" "C3'"  sing N N 199 
DT  "C4'" "H4'"  sing N N 200 
DT  "O4'" "C1'"  sing N N 201 
DT  "C3'" "O3'"  sing N N 202 
DT  "C3'" "C2'"  sing N N 203 
DT  "C3'" "H3'"  sing N N 204 
DT  "O3'" "HO3'" sing N N 205 
DT  "C2'" "C1'"  sing N N 206 
DT  "C2'" "H2'"  sing N N 207 
DT  "C2'" "H2''" sing N N 208 
DT  "C1'" N1     sing N N 209 
DT  "C1'" "H1'"  sing N N 210 
DT  N1    C2     sing N N 211 
DT  N1    C6     sing N N 212 
DT  C2    O2     doub N N 213 
DT  C2    N3     sing N N 214 
DT  N3    C4     sing N N 215 
DT  N3    H3     sing N N 216 
DT  C4    O4     doub N N 217 
DT  C4    C5     sing N N 218 
DT  C5    C7     sing N N 219 
DT  C5    C6     doub N N 220 
DT  C7    H71    sing N N 221 
DT  C7    H72    sing N N 222 
DT  C7    H73    sing N N 223 
DT  C6    H6     sing N N 224 
G   OP3   P      sing N N 225 
G   OP3   HOP3   sing N N 226 
G   P     OP1    doub N N 227 
G   P     OP2    sing N N 228 
G   P     "O5'"  sing N N 229 
G   OP2   HOP2   sing N N 230 
G   "O5'" "C5'"  sing N N 231 
G   "C5'" "C4'"  sing N N 232 
G   "C5'" "H5'"  sing N N 233 
G   "C5'" "H5''" sing N N 234 
G   "C4'" "O4'"  sing N N 235 
G   "C4'" "C3'"  sing N N 236 
G   "C4'" "H4'"  sing N N 237 
G   "O4'" "C1'"  sing N N 238 
G   "C3'" "O3'"  sing N N 239 
G   "C3'" "C2'"  sing N N 240 
G   "C3'" "H3'"  sing N N 241 
G   "O3'" "HO3'" sing N N 242 
G   "C2'" "O2'"  sing N N 243 
G   "C2'" "C1'"  sing N N 244 
G   "C2'" "H2'"  sing N N 245 
G   "O2'" "HO2'" sing N N 246 
G   "C1'" N9     sing N N 247 
G   "C1'" "H1'"  sing N N 248 
G   N9    C8     sing Y N 249 
G   N9    C4     sing Y N 250 
G   C8    N7     doub Y N 251 
G   C8    H8     sing N N 252 
G   N7    C5     sing Y N 253 
G   C5    C6     sing N N 254 
G   C5    C4     doub Y N 255 
G   C6    O6     doub N N 256 
G   C6    N1     sing N N 257 
G   N1    C2     sing N N 258 
G   N1    H1     sing N N 259 
G   C2    N2     sing N N 260 
G   C2    N3     doub N N 261 
G   N2    H21    sing N N 262 
G   N2    H22    sing N N 263 
G   N3    C4     sing N N 264 
T3P P     OP1    doub N N 265 
T3P P     OP2    sing N N 266 
T3P P     OP3    sing N N 267 
T3P P     "O3'"  sing N N 268 
T3P OP2   HOP2   sing N N 269 
T3P OP3   HOP3   sing N N 270 
T3P "O5'" "C5'"  sing N N 271 
T3P "O5'" "H5'"  sing N N 272 
T3P "C5'" "C4'"  sing N N 273 
T3P "C5'" "H5'1" sing N N 274 
T3P "C5'" "H5''" sing N N 275 
T3P "C4'" "O4'"  sing N N 276 
T3P "C4'" "C3'"  sing N N 277 
T3P "C4'" "H4'"  sing N N 278 
T3P "O4'" "C1'"  sing N N 279 
T3P "C3'" "O3'"  sing N N 280 
T3P "C3'" "C2'"  sing N N 281 
T3P "C3'" "H3'"  sing N N 282 
T3P "C2'" "C1'"  sing N N 283 
T3P "C2'" "H2'"  sing N N 284 
T3P "C2'" "H2''" sing N N 285 
T3P "C1'" N1     sing N N 286 
T3P "C1'" "H1'"  sing N N 287 
T3P N1    C2     sing N N 288 
T3P N1    C6     sing N N 289 
T3P C2    O2     doub N N 290 
T3P C2    N3     sing N N 291 
T3P N3    C4     sing N N 292 
T3P N3    H3     sing N N 293 
T3P C4    O4     doub N N 294 
T3P C4    C5     sing N N 295 
T3P C5    C5M    sing N N 296 
T3P C5    C6     doub N N 297 
T3P C5M   H51    sing N N 298 
T3P C5M   H52    sing N N 299 
T3P C5M   H53    sing N N 300 
T3P C6    H6     sing N N 301 
U   OP3   P      sing N N 302 
U   OP3   HOP3   sing N N 303 
U   P     OP1    doub N N 304 
U   P     OP2    sing N N 305 
U   P     "O5'"  sing N N 306 
U   OP2   HOP2   sing N N 307 
U   "O5'" "C5'"  sing N N 308 
U   "C5'" "C4'"  sing N N 309 
U   "C5'" "H5'"  sing N N 310 
U   "C5'" "H5''" sing N N 311 
U   "C4'" "O4'"  sing N N 312 
U   "C4'" "C3'"  sing N N 313 
U   "C4'" "H4'"  sing N N 314 
U   "O4'" "C1'"  sing N N 315 
U   "C3'" "O3'"  sing N N 316 
U   "C3'" "C2'"  sing N N 317 
U   "C3'" "H3'"  sing N N 318 
U   "O3'" "HO3'" sing N N 319 
U   "C2'" "O2'"  sing N N 320 
U   "C2'" "C1'"  sing N N 321 
U   "C2'" "H2'"  sing N N 322 
U   "O2'" "HO2'" sing N N 323 
U   "C1'" N1     sing N N 324 
U   "C1'" "H1'"  sing N N 325 
U   N1    C2     sing N N 326 
U   N1    C6     sing N N 327 
U   C2    O2     doub N N 328 
U   C2    N3     sing N N 329 
U   N3    C4     sing N N 330 
U   N3    H3     sing N N 331 
U   C4    O4     doub N N 332 
U   C4    C5     sing N N 333 
U   C5    C6     doub N N 334 
U   C5    H5     sing N N 335 
U   C6    H6     sing N N 336 
# 
loop_
_ndb_struct_conf_na.entry_id 
_ndb_struct_conf_na.feature 
1C2Q 'double helix'        
1C2Q 'a-form double helix' 
# 
loop_
_ndb_struct_na_base_pair.model_number 
_ndb_struct_na_base_pair.i_label_asym_id 
_ndb_struct_na_base_pair.i_label_comp_id 
_ndb_struct_na_base_pair.i_label_seq_id 
_ndb_struct_na_base_pair.i_symmetry 
_ndb_struct_na_base_pair.j_label_asym_id 
_ndb_struct_na_base_pair.j_label_comp_id 
_ndb_struct_na_base_pair.j_label_seq_id 
_ndb_struct_na_base_pair.j_symmetry 
_ndb_struct_na_base_pair.shear 
_ndb_struct_na_base_pair.stretch 
_ndb_struct_na_base_pair.stagger 
_ndb_struct_na_base_pair.buckle 
_ndb_struct_na_base_pair.propeller 
_ndb_struct_na_base_pair.opening 
_ndb_struct_na_base_pair.pair_number 
_ndb_struct_na_base_pair.pair_name 
_ndb_struct_na_base_pair.i_auth_asym_id 
_ndb_struct_na_base_pair.i_auth_seq_id 
_ndb_struct_na_base_pair.i_PDB_ins_code 
_ndb_struct_na_base_pair.j_auth_asym_id 
_ndb_struct_na_base_pair.j_auth_seq_id 
_ndb_struct_na_base_pair.j_PDB_ins_code 
_ndb_struct_na_base_pair.hbond_type_28 
_ndb_struct_na_base_pair.hbond_type_12 
1 A DA  1 1_555 B U 9 1_555 0.056  -0.063 -0.338 -14.855 -12.112 -3.483 1 A_DA1:U18_B  A 1 ? B 18 ? 20 1 
1 A DT  2 1_555 B A 8 1_555 0.084  -0.102 -0.340 12.981  -16.507 1.104  2 A_DT2:A17_B  A 2 ? B 17 ? 20 1 
1 A DG  3 1_555 B C 7 1_555 -0.426 -0.223 -0.030 -0.196  -15.757 0.620  3 A_DG3:C16_B  A 3 ? B 16 ? 19 1 
1 A DG  4 1_555 B C 6 1_555 -0.463 -0.224 0.154  -3.473  -11.723 0.089  4 A_DG4:C15_B  A 4 ? B 15 ? 19 1 
1 A T3P 5 1_555 B A 5 1_555 0.055  -0.116 -0.043 9.001   -10.114 -2.179 5 A_T3P5:A14_B A 5 ? B 14 ? 20 1 
1 A DG  6 1_555 B C 4 1_555 -0.151 -0.146 0.243  4.801   -13.429 0.826  6 A_DG6:C13_B  A 6 ? B 13 ? 19 1 
1 A DC  7 1_555 B G 3 1_555 0.405  -0.237 0.054  4.033   -16.100 0.535  7 A_DC7:G12_B  A 7 ? B 12 ? 19 1 
1 A DT  8 1_555 B A 2 1_555 -0.026 0.018  -0.258 15.181  -9.147  -1.579 8 A_DT8:A11_B  A 8 ? B 11 ? 20 1 
1 A DC  9 1_555 B G 1 1_555 0.289  -0.173 -0.450 19.727  -22.747 0.677  9 A_DC9:G10_B  A 9 ? B 10 ? 19 1 
# 
loop_
_ndb_struct_na_base_pair_step.model_number 
_ndb_struct_na_base_pair_step.i_label_asym_id_1 
_ndb_struct_na_base_pair_step.i_label_comp_id_1 
_ndb_struct_na_base_pair_step.i_label_seq_id_1 
_ndb_struct_na_base_pair_step.i_symmetry_1 
_ndb_struct_na_base_pair_step.j_label_asym_id_1 
_ndb_struct_na_base_pair_step.j_label_comp_id_1 
_ndb_struct_na_base_pair_step.j_label_seq_id_1 
_ndb_struct_na_base_pair_step.j_symmetry_1 
_ndb_struct_na_base_pair_step.i_label_asym_id_2 
_ndb_struct_na_base_pair_step.i_label_comp_id_2 
_ndb_struct_na_base_pair_step.i_label_seq_id_2 
_ndb_struct_na_base_pair_step.i_symmetry_2 
_ndb_struct_na_base_pair_step.j_label_asym_id_2 
_ndb_struct_na_base_pair_step.j_label_comp_id_2 
_ndb_struct_na_base_pair_step.j_label_seq_id_2 
_ndb_struct_na_base_pair_step.j_symmetry_2 
_ndb_struct_na_base_pair_step.shift 
_ndb_struct_na_base_pair_step.slide 
_ndb_struct_na_base_pair_step.rise 
_ndb_struct_na_base_pair_step.tilt 
_ndb_struct_na_base_pair_step.roll 
_ndb_struct_na_base_pair_step.twist 
_ndb_struct_na_base_pair_step.x_displacement 
_ndb_struct_na_base_pair_step.y_displacement 
_ndb_struct_na_base_pair_step.helical_rise 
_ndb_struct_na_base_pair_step.inclination 
_ndb_struct_na_base_pair_step.tip 
_ndb_struct_na_base_pair_step.helical_twist 
_ndb_struct_na_base_pair_step.step_number 
_ndb_struct_na_base_pair_step.step_name 
_ndb_struct_na_base_pair_step.i_auth_asym_id_1 
_ndb_struct_na_base_pair_step.i_auth_seq_id_1 
_ndb_struct_na_base_pair_step.i_PDB_ins_code_1 
_ndb_struct_na_base_pair_step.j_auth_asym_id_1 
_ndb_struct_na_base_pair_step.j_auth_seq_id_1 
_ndb_struct_na_base_pair_step.j_PDB_ins_code_1 
_ndb_struct_na_base_pair_step.i_auth_asym_id_2 
_ndb_struct_na_base_pair_step.i_auth_seq_id_2 
_ndb_struct_na_base_pair_step.i_PDB_ins_code_2 
_ndb_struct_na_base_pair_step.j_auth_asym_id_2 
_ndb_struct_na_base_pair_step.j_auth_seq_id_2 
_ndb_struct_na_base_pair_step.j_PDB_ins_code_2 
1 A DA  1 1_555 B U 9 1_555 A DT  2 1_555 B A 8 1_555 0.021  -0.578 2.710 2.162  0.650  29.102 -1.263 0.348  2.691 1.292  -4.295  
29.187 1 AA_DA1DT2:A17U18_BB  A 1 ? B 18 ? A 2 ? B 17 ? 
1 A DT  2 1_555 B A 8 1_555 A DG  3 1_555 B C 7 1_555 -0.038 -1.181 3.444 -5.524 15.463 32.161 -4.065 -0.708 2.598 25.911 9.256   
36.012 2 AA_DT2DG3:C16A17_BB  A 2 ? B 17 ? A 3 ? B 16 ? 
1 A DG  3 1_555 B C 7 1_555 A DG  4 1_555 B C 6 1_555 -0.536 -1.285 3.218 -6.256 5.416  30.979 -3.272 -0.121 3.005 9.919  11.458  
32.039 3 AA_DG3DG4:C15C16_BB  A 3 ? B 16 ? A 4 ? B 15 ? 
1 A DG  4 1_555 B C 6 1_555 A T3P 5 1_555 B A 5 1_555 -0.566 -0.586 2.987 0.187  -0.205 34.811 -0.951 0.972  2.987 -0.343 -0.313  
34.812 4 AA_DG4T3P5:A14C15_BB A 4 ? B 15 ? A 5 ? B 14 ? 
1 A T3P 5 1_555 B A 5 1_555 A DG  6 1_555 B C 4 1_555 0.063  -0.913 3.233 -7.287 5.508  33.791 -2.322 -1.166 2.975 9.268  12.260  
34.970 5 AA_T3P5DG6:C13A14_BB A 5 ? B 14 ? A 6 ? B 13 ? 
1 A DG  6 1_555 B C 4 1_555 A DC  7 1_555 B G 3 1_555 -0.356 -1.733 3.204 -1.817 5.616  32.100 -4.000 0.337  2.883 10.050 3.251   
32.625 6 AA_DG6DC7:G12C13_BB  A 6 ? B 13 ? A 7 ? B 12 ? 
1 A DC  7 1_555 B G 3 1_555 A DT  8 1_555 B A 2 1_555 -0.402 -1.170 3.109 4.982  4.922  26.925 -3.509 1.924  2.739 10.351 -10.476 
27.805 7 AA_DC7DT8:A11G12_BB  A 7 ? B 12 ? A 8 ? B 11 ? 
1 A DT  8 1_555 B A 2 1_555 A DC  9 1_555 B G 1 1_555 0.288  -1.107 3.150 -1.172 4.611  30.823 -2.883 -0.744 2.945 8.611  2.188   
31.179 8 AA_DT8DC9:G10A11_BB  A 8 ? B 11 ? A 9 ? B 10 ? 
# 
_pdbx_nmr_spectrometer.spectrometer_id   1 
_pdbx_nmr_spectrometer.model             AMX 
_pdbx_nmr_spectrometer.manufacturer      Bruker 
_pdbx_nmr_spectrometer.field_strength    600 
_pdbx_nmr_spectrometer.type              ? 
# 
_atom_sites.entry_id                    1C2Q 
_atom_sites.fract_transf_matrix[1][1]   1.000000 
_atom_sites.fract_transf_matrix[1][2]   0.000000 
_atom_sites.fract_transf_matrix[1][3]   0.000000 
_atom_sites.fract_transf_matrix[2][1]   0.000000 
_atom_sites.fract_transf_matrix[2][2]   1.000000 
_atom_sites.fract_transf_matrix[2][3]   0.000000 
_atom_sites.fract_transf_matrix[3][1]   0.000000 
_atom_sites.fract_transf_matrix[3][2]   0.000000 
_atom_sites.fract_transf_matrix[3][3]   1.000000 
_atom_sites.fract_transf_vector[1]      0.00000 
_atom_sites.fract_transf_vector[2]      0.00000 
_atom_sites.fract_transf_vector[3]      0.00000 
# 
loop_
_atom_type.symbol 
C 
H 
N 
O 
P 
# 
loop_
_atom_site.group_PDB 
_atom_site.id 
_atom_site.type_symbol 
_atom_site.label_atom_id 
_atom_site.label_alt_id 
_atom_site.label_comp_id 
_atom_site.label_asym_id 
_atom_site.label_entity_id 
_atom_site.label_seq_id 
_atom_site.pdbx_PDB_ins_code 
_atom_site.Cartn_x 
_atom_site.Cartn_y 
_atom_site.Cartn_z 
_atom_site.occupancy 
_atom_site.B_iso_or_equiv 
_atom_site.pdbx_formal_charge 
_atom_site.auth_seq_id 
_atom_site.auth_comp_id 
_atom_site.auth_asym_id 
_atom_site.auth_atom_id 
_atom_site.pdbx_PDB_model_num 
ATOM   1   O "O5'"  . DA  A 1 1 ? 13.111  3.550   -2.483  1.00 0.00 ? 1  DA  A "O5'"  1 
ATOM   2   C "C5'"  . DA  A 1 1 ? 14.034  3.932   -3.494  1.00 0.00 ? 1  DA  A "C5'"  1 
ATOM   3   C "C4'"  . DA  A 1 1 ? 14.022  2.962   -4.686  1.00 0.00 ? 1  DA  A "C4'"  1 
ATOM   4   O "O4'"  . DA  A 1 1 ? 14.506  1.692   -4.255  1.00 0.00 ? 1  DA  A "O4'"  1 
ATOM   5   C "C3'"  . DA  A 1 1 ? 12.613  2.802   -5.292  1.00 0.00 ? 1  DA  A "C3'"  1 
ATOM   6   O "O3'"  . DA  A 1 1 ? 12.622  3.303   -6.618  1.00 0.00 ? 1  DA  A "O3'"  1 
ATOM   7   C "C2'"  . DA  A 1 1 ? 12.412  1.253   -5.287  1.00 0.00 ? 1  DA  A "C2'"  1 
ATOM   8   C "C1'"  . DA  A 1 1 ? 13.700  0.625   -4.733  1.00 0.00 ? 1  DA  A "C1'"  1 
ATOM   9   N N9     . DA  A 1 1 ? 13.316  -0.271  -3.632  1.00 0.00 ? 1  DA  A N9     1 
ATOM   10  C C8     . DA  A 1 1 ? 13.290  0.091   -2.335  1.00 0.00 ? 1  DA  A C8     1 
ATOM   11  N N7     . DA  A 1 1 ? 12.851  -0.806  -1.501  1.00 0.00 ? 1  DA  A N7     1 
ATOM   12  C C5     . DA  A 1 1 ? 12.525  -1.863  -2.360  1.00 0.00 ? 1  DA  A C5     1 
ATOM   13  C C6     . DA  A 1 1 ? 11.991  -3.153  -2.165  1.00 0.00 ? 1  DA  A C6     1 
ATOM   14  N N6     . DA  A 1 1 ? 11.697  -3.645  -0.973  1.00 0.00 ? 1  DA  A N6     1 
ATOM   15  N N1     . DA  A 1 1 ? 11.765  -3.959  -3.211  1.00 0.00 ? 1  DA  A N1     1 
ATOM   16  C C2     . DA  A 1 1 ? 12.054  -3.505  -4.427  1.00 0.00 ? 1  DA  A C2     1 
ATOM   17  N N3     . DA  A 1 1 ? 12.570  -2.323  -4.761  1.00 0.00 ? 1  DA  A N3     1 
ATOM   18  C C4     . DA  A 1 1 ? 12.790  -1.542  -3.668  1.00 0.00 ? 1  DA  A C4     1 
ATOM   19  H "H5'"  . DA  A 1 1 ? 15.042  3.959   -3.076  1.00 0.00 ? 1  DA  A "H5'"  1 
ATOM   20  H "H5''" . DA  A 1 1 ? 13.779  4.931   -3.854  1.00 0.00 ? 1  DA  A "H5''" 1 
ATOM   21  H "H4'"  . DA  A 1 1 ? 14.713  3.361   -5.443  1.00 0.00 ? 1  DA  A "H4'"  1 
ATOM   22  H "H3'"  . DA  A 1 1 ? 11.877  3.395   -4.673  1.00 0.00 ? 1  DA  A "H3'"  1 
ATOM   23  H "H2'"  . DA  A 1 1 ? 11.603  1.026   -4.595  1.00 0.00 ? 1  DA  A "H2'"  1 
ATOM   24  H "H2''" . DA  A 1 1 ? 12.205  0.788   -6.272  1.00 0.00 ? 1  DA  A "H2''" 1 
ATOM   25  H "H1'"  . DA  A 1 1 ? 14.293  0.012   -5.402  1.00 0.00 ? 1  DA  A "H1'"  1 
ATOM   26  H H8     . DA  A 1 1 ? 13.633  1.085   -2.173  1.00 0.00 ? 1  DA  A H8     1 
ATOM   27  H H61    . DA  A 1 1 ? 11.370  -4.609  -0.885  1.00 0.00 ? 1  DA  A H61    1 
ATOM   28  H H62    . DA  A 1 1 ? 11.820  -3.048  -0.174  1.00 0.00 ? 1  DA  A H62    1 
ATOM   29  H H2     . DA  A 1 1 ? 11.847  -4.180  -5.247  1.00 0.00 ? 1  DA  A H2     1 
ATOM   30  H "HO5'" . DA  A 1 1 ? 13.132  4.189   -1.765  1.00 0.00 ? 1  DA  A "HO5'" 1 
ATOM   31  P P      . DT  A 1 2 ? 11.267  3.792   -7.360  1.00 0.00 ? 2  DT  A P      1 
ATOM   32  O OP1    . DT  A 1 2 ? 11.654  4.452   -8.626  1.00 0.00 ? 2  DT  A OP1    1 
ATOM   33  O OP2    . DT  A 1 2 ? 10.435  4.520   -6.378  1.00 0.00 ? 2  DT  A OP2    1 
ATOM   34  O "O5'"  . DT  A 1 2 ? 10.516  2.414   -7.720  1.00 0.00 ? 2  DT  A "O5'"  1 
ATOM   35  C "C5'"  . DT  A 1 2 ? 10.977  1.574   -8.762  1.00 0.00 ? 2  DT  A "C5'"  1 
ATOM   36  C "C4'"  . DT  A 1 2 ? 10.155  0.283   -8.810  1.00 0.00 ? 2  DT  A "C4'"  1 
ATOM   37  O "O4'"  . DT  A 1 2 ? 10.328  -0.414  -7.580  1.00 0.00 ? 2  DT  A "O4'"  1 
ATOM   38  C "C3'"  . DT  A 1 2 ? 8.655   0.546   -9.023  1.00 0.00 ? 2  DT  A "C3'"  1 
ATOM   39  O "O3'"  . DT  A 1 2 ? 8.231   -0.232  -10.133 1.00 0.00 ? 2  DT  A "O3'"  1 
ATOM   40  C "C2'"  . DT  A 1 2 ? 8.034   0.035   -7.703  1.00 0.00 ? 2  DT  A "C2'"  1 
ATOM   41  C "C1'"  . DT  A 1 2 ? 9.091   -0.937  -7.134  1.00 0.00 ? 2  DT  A "C1'"  1 
ATOM   42  N N1     . DT  A 1 2 ? 9.062   -1.041  -5.645  1.00 0.00 ? 2  DT  A N1     1 
ATOM   43  C C2     . DT  A 1 2 ? 8.944   -2.324  -5.099  1.00 0.00 ? 2  DT  A C2     1 
ATOM   44  O O2     . DT  A 1 2 ? 8.872   -3.351  -5.768  1.00 0.00 ? 2  DT  A O2     1 
ATOM   45  N N3     . DT  A 1 2 ? 8.903   -2.410  -3.731  1.00 0.00 ? 2  DT  A N3     1 
ATOM   46  C C4     . DT  A 1 2 ? 8.929   -1.358  -2.844  1.00 0.00 ? 2  DT  A C4     1 
ATOM   47  O O4     . DT  A 1 2 ? 8.915   -1.618  -1.643  1.00 0.00 ? 2  DT  A O4     1 
ATOM   48  C C5     . DT  A 1 2 ? 8.993   -0.034  -3.467  1.00 0.00 ? 2  DT  A C5     1 
ATOM   49  C C7     . DT  A 1 2 ? 8.929   1.208   -2.576  1.00 0.00 ? 2  DT  A C7     1 
ATOM   50  C C6     . DT  A 1 2 ? 9.075   0.076   -4.827  1.00 0.00 ? 2  DT  A C6     1 
ATOM   51  H "H5'"  . DT  A 1 2 ? 12.025  1.321   -8.593  1.00 0.00 ? 2  DT  A "H5'"  1 
ATOM   52  H "H5''" . DT  A 1 2 ? 10.889  2.095   -9.716  1.00 0.00 ? 2  DT  A "H5''" 1 
ATOM   53  H "H4'"  . DT  A 1 2 ? 10.537  -0.331  -9.635  1.00 0.00 ? 2  DT  A "H4'"  1 
ATOM   54  H "H3'"  . DT  A 1 2 ? 8.463   1.619   -9.232  1.00 0.00 ? 2  DT  A "H3'"  1 
ATOM   55  H "H2'"  . DT  A 1 2 ? 7.834   0.878   -7.026  1.00 0.00 ? 2  DT  A "H2'"  1 
ATOM   56  H "H2''" . DT  A 1 2 ? 7.100   -0.492  -7.867  1.00 0.00 ? 2  DT  A "H2''" 1 
ATOM   57  H "H1'"  . DT  A 1 2 ? 8.980   -1.961  -7.545  1.00 0.00 ? 2  DT  A "H1'"  1 
ATOM   58  H H3     . DT  A 1 2 ? 8.743   -3.340  -3.358  1.00 0.00 ? 2  DT  A H3     1 
ATOM   59  H H71    . DT  A 1 2 ? 8.916   2.140   -3.149  1.00 0.00 ? 2  DT  A H71    1 
ATOM   60  H H72    . DT  A 1 2 ? 8.004   1.166   -1.998  1.00 0.00 ? 2  DT  A H72    1 
ATOM   61  H H73    . DT  A 1 2 ? 9.761   1.217   -1.862  1.00 0.00 ? 2  DT  A H73    1 
ATOM   62  H H6     . DT  A 1 2 ? 9.148   1.040   -5.313  1.00 0.00 ? 2  DT  A H6     1 
ATOM   63  P P      . DG  A 1 3 ? 6.719   -0.184  -10.715 1.00 0.00 ? 3  DG  A P      1 
ATOM   64  O OP1    . DG  A 1 3 ? 6.770   -0.528  -12.152 1.00 0.00 ? 3  DG  A OP1    1 
ATOM   65  O OP2    . DG  A 1 3 ? 6.087   1.081   -10.282 1.00 0.00 ? 3  DG  A OP2    1 
ATOM   66  O "O5'"  . DG  A 1 3 ? 5.997   -1.399  -9.930  1.00 0.00 ? 3  DG  A "O5'"  1 
ATOM   67  C "C5'"  . DG  A 1 3 ? 6.337   -2.746  -10.200 1.00 0.00 ? 3  DG  A "C5'"  1 
ATOM   68  C "C4'"  . DG  A 1 3 ? 5.518   -3.726  -9.354  1.00 0.00 ? 3  DG  A "C4'"  1 
ATOM   69  O "O4'"  . DG  A 1 3 ? 5.927   -3.705  -7.996  1.00 0.00 ? 3  DG  A "O4'"  1 
ATOM   70  C "C3'"  . DG  A 1 3 ? 4.010   -3.495  -9.400  1.00 0.00 ? 3  DG  A "C3'"  1 
ATOM   71  O "O3'"  . DG  A 1 3 ? 3.382   -4.726  -9.731  1.00 0.00 ? 3  DG  A "O3'"  1 
ATOM   72  C "C2'"  . DG  A 1 3 ? 3.688   -3.025  -7.994  1.00 0.00 ? 3  DG  A "C2'"  1 
ATOM   73  C "C1'"  . DG  A 1 3 ? 4.776   -3.700  -7.170  1.00 0.00 ? 3  DG  A "C1'"  1 
ATOM   74  N N9     . DG  A 1 3 ? 5.051   -3.068  -5.863  1.00 0.00 ? 3  DG  A N9     1 
ATOM   75  C C8     . DG  A 1 3 ? 5.467   -1.795  -5.586  1.00 0.00 ? 3  DG  A C8     1 
ATOM   76  N N7     . DG  A 1 3 ? 5.713   -1.568  -4.326  1.00 0.00 ? 3  DG  A N7     1 
ATOM   77  C C5     . DG  A 1 3 ? 5.363   -2.772  -3.702  1.00 0.00 ? 3  DG  A C5     1 
ATOM   78  C C6     . DG  A 1 3 ? 5.347   -3.169  -2.320  1.00 0.00 ? 3  DG  A C6     1 
ATOM   79  O O6     . DG  A 1 3 ? 5.715   -2.563  -1.315  1.00 0.00 ? 3  DG  A O6     1 
ATOM   80  N N1     . DG  A 1 3 ? 4.827   -4.437  -2.127  1.00 0.00 ? 3  DG  A N1     1 
ATOM   81  C C2     . DG  A 1 3 ? 4.410   -5.256  -3.131  1.00 0.00 ? 3  DG  A C2     1 
ATOM   82  N N2     . DG  A 1 3 ? 3.842   -6.387  -2.790  1.00 0.00 ? 3  DG  A N2     1 
ATOM   83  N N3     . DG  A 1 3 ? 4.461   -4.949  -4.425  1.00 0.00 ? 3  DG  A N3     1 
ATOM   84  C C4     . DG  A 1 3 ? 4.939   -3.687  -4.643  1.00 0.00 ? 3  DG  A C4     1 
ATOM   85  H "H5'"  . DG  A 1 3 ? 7.397   -2.905  -10.000 1.00 0.00 ? 3  DG  A "H5'"  1 
ATOM   86  H "H5''" . DG  A 1 3 ? 6.145   -2.953  -11.254 1.00 0.00 ? 3  DG  A "H5''" 1 
ATOM   87  H "H4'"  . DG  A 1 3 ? 5.692   -4.723  -9.741  1.00 0.00 ? 3  DG  A "H4'"  1 
ATOM   88  H "H3'"  . DG  A 1 3 ? 3.738   -2.732  -10.114 1.00 0.00 ? 3  DG  A "H3'"  1 
ATOM   89  H "H2'"  . DG  A 1 3 ? 3.783   -1.939  -7.937  1.00 0.00 ? 3  DG  A "H2'"  1 
ATOM   90  H "H2''" . DG  A 1 3 ? 2.695   -3.343  -7.717  1.00 0.00 ? 3  DG  A "H2''" 1 
ATOM   91  H "H1'"  . DG  A 1 3 ? 4.466   -4.728  -6.988  1.00 0.00 ? 3  DG  A "H1'"  1 
ATOM   92  H H8     . DG  A 1 3 ? 5.585   -1.059  -6.361  1.00 0.00 ? 3  DG  A H8     1 
ATOM   93  H H1     . DG  A 1 3 ? 4.752   -4.735  -1.161  1.00 0.00 ? 3  DG  A H1     1 
ATOM   94  H H21    . DG  A 1 3 ? 3.688   -6.620  -1.805  1.00 0.00 ? 3  DG  A H21    1 
ATOM   95  H H22    . DG  A 1 3 ? 3.461   -6.918  -3.551  1.00 0.00 ? 3  DG  A H22    1 
ATOM   96  P P      . DG  A 1 4 ? 1.788   -4.863  -9.970  1.00 0.00 ? 4  DG  A P      1 
ATOM   97  O OP1    . DG  A 1 4 ? 1.560   -5.967  -10.929 1.00 0.00 ? 4  DG  A OP1    1 
ATOM   98  O OP2    . DG  A 1 4 ? 1.235   -3.520  -10.251 1.00 0.00 ? 4  DG  A OP2    1 
ATOM   99  O "O5'"  . DG  A 1 4 ? 1.255   -5.328  -8.519  1.00 0.00 ? 4  DG  A "O5'"  1 
ATOM   100 C "C5'"  . DG  A 1 4 ? 1.451   -6.652  -8.049  1.00 0.00 ? 4  DG  A "C5'"  1 
ATOM   101 C "C4'"  . DG  A 1 4 ? 0.683   -6.900  -6.746  1.00 0.00 ? 4  DG  A "C4'"  1 
ATOM   102 O "O4'"  . DG  A 1 4 ? 1.358   -6.333  -5.628  1.00 0.00 ? 4  DG  A "O4'"  1 
ATOM   103 C "C3'"  . DG  A 1 4 ? -0.761  -6.403  -6.781  1.00 0.00 ? 4  DG  A "C3'"  1 
ATOM   104 O "O3'"  . DG  A 1 4 ? -1.581  -7.465  -6.306  1.00 0.00 ? 4  DG  A "O3'"  1 
ATOM   105 C "C2'"  . DG  A 1 4 ? -0.659  -5.215  -5.825  1.00 0.00 ? 4  DG  A "C2'"  1 
ATOM   106 C "C1'"  . DG  A 1 4 ? 0.416   -5.642  -4.828  1.00 0.00 ? 4  DG  A "C1'"  1 
ATOM   107 N N9     . DG  A 1 4 ? 1.020   -4.507  -4.097  1.00 0.00 ? 4  DG  A N9     1 
ATOM   108 C C8     . DG  A 1 4 ? 1.600   -3.358  -4.578  1.00 0.00 ? 4  DG  A C8     1 
ATOM   109 N N7     . DG  A 1 4 ? 2.041   -2.555  -3.651  1.00 0.00 ? 4  DG  A N7     1 
ATOM   110 C C5     . DG  A 1 4 ? 1.742   -3.219  -2.458  1.00 0.00 ? 4  DG  A C5     1 
ATOM   111 C C6     . DG  A 1 4 ? 2.010   -2.891  -1.083  1.00 0.00 ? 4  DG  A C6     1 
ATOM   112 O O6     . DG  A 1 4 ? 2.589   -1.922  -0.597  1.00 0.00 ? 4  DG  A O6     1 
ATOM   113 N N1     . DG  A 1 4 ? 1.547   -3.846  -0.199  1.00 0.00 ? 4  DG  A N1     1 
ATOM   114 C C2     . DG  A 1 4 ? 0.909   -4.990  -0.570  1.00 0.00 ? 4  DG  A C2     1 
ATOM   115 N N2     . DG  A 1 4 ? 0.478   -5.776  0.385   1.00 0.00 ? 4  DG  A N2     1 
ATOM   116 N N3     . DG  A 1 4 ? 0.637   -5.329  -1.830  1.00 0.00 ? 4  DG  A N3     1 
ATOM   117 C C4     . DG  A 1 4 ? 1.095   -4.407  -2.729  1.00 0.00 ? 4  DG  A C4     1 
ATOM   118 H "H5'"  . DG  A 1 4 ? 2.513   -6.837  -7.888  1.00 0.00 ? 4  DG  A "H5'"  1 
ATOM   119 H "H5''" . DG  A 1 4 ? 1.082   -7.351  -8.800  1.00 0.00 ? 4  DG  A "H5''" 1 
ATOM   120 H "H4'"  . DG  A 1 4 ? 0.615   -7.965  -6.581  1.00 0.00 ? 4  DG  A "H4'"  1 
ATOM   121 H "H3'"  . DG  A 1 4 ? -1.061  -6.117  -7.797  1.00 0.00 ? 4  DG  A "H3'"  1 
ATOM   122 H "H2'"  . DG  A 1 4 ? -0.330  -4.345  -6.393  1.00 0.00 ? 4  DG  A "H2'"  1 
ATOM   123 H "H2''" . DG  A 1 4 ? -1.583  -4.998  -5.319  1.00 0.00 ? 4  DG  A "H2''" 1 
ATOM   124 H "H1'"  . DG  A 1 4 ? -0.012  -6.332  -4.080  1.00 0.00 ? 4  DG  A "H1'"  1 
ATOM   125 H H8     . DG  A 1 4 ? 1.703   -3.145  -5.630  1.00 0.00 ? 4  DG  A H8     1 
ATOM   126 H H1     . DG  A 1 4 ? 1.728   -3.656  0.781   1.00 0.00 ? 4  DG  A H1     1 
ATOM   127 H H21    . DG  A 1 4 ? 0.592   -5.503  1.367   1.00 0.00 ? 4  DG  A H21    1 
ATOM   128 H H22    . DG  A 1 4 ? -0.054  -6.575  0.103   1.00 0.00 ? 4  DG  A H22    1 
HETATM 129 P P      . T3P A 1 5 ? -3.128  -7.279  -5.880  1.00 0.00 ? 5  T3P A P      1 
HETATM 130 O OP1    . T3P A 1 5 ? -3.774  -8.611  -5.870  1.00 0.00 ? 5  T3P A OP1    1 
HETATM 131 O OP2    . T3P A 1 5 ? -3.722  -6.167  -6.652  1.00 0.00 ? 5  T3P A OP2    1 
HETATM 132 O "O5'"  . T3P A 1 5 ? -7.316  -7.067  -2.621  1.00 0.00 ? 5  T3P A "O5'"  1 
HETATM 133 C "C5'"  . T3P A 1 5 ? -6.070  -7.726  -2.689  1.00 0.00 ? 5  T3P A "C5'"  1 
HETATM 134 C "C4'"  . T3P A 1 5 ? -5.014  -6.739  -3.188  1.00 0.00 ? 5  T3P A "C4'"  1 
HETATM 135 O "O4'"  . T3P A 1 5 ? -4.906  -5.629  -2.308  1.00 0.00 ? 5  T3P A "O4'"  1 
HETATM 136 C "C3'"  . T3P A 1 5 ? -3.614  -7.341  -3.264  1.00 0.00 ? 5  T3P A "C3'"  1 
HETATM 137 O "O3'"  . T3P A 1 5 ? -2.915  -6.789  -4.359  1.00 0.00 ? 5  T3P A "O3'"  1 
HETATM 138 C "C2'"  . T3P A 1 5 ? -2.905  -6.906  -1.984  1.00 0.00 ? 5  T3P A "C2'"  1 
HETATM 139 C "C1'"  . T3P A 1 5 ? -3.758  -5.745  -1.475  1.00 0.00 ? 5  T3P A "C1'"  1 
HETATM 140 N N1     . T3P A 1 5 ? -2.951  -4.504  -1.537  1.00 0.00 ? 5  T3P A N1     1 
HETATM 141 C C2     . T3P A 1 5 ? -2.369  -4.034  -0.358  1.00 0.00 ? 5  T3P A C2     1 
HETATM 142 O O2     . T3P A 1 5 ? -2.490  -4.592  0.729   1.00 0.00 ? 5  T3P A O2     1 
HETATM 143 N N3     . T3P A 1 5 ? -1.629  -2.880  -0.463  1.00 0.00 ? 5  T3P A N3     1 
HETATM 144 C C4     . T3P A 1 5 ? -1.435  -2.147  -1.614  1.00 0.00 ? 5  T3P A C4     1 
HETATM 145 O O4     . T3P A 1 5 ? -0.734  -1.142  -1.553  1.00 0.00 ? 5  T3P A O4     1 
HETATM 146 C C5     . T3P A 1 5 ? -2.068  -2.697  -2.811  1.00 0.00 ? 5  T3P A C5     1 
HETATM 147 C C5M    . T3P A 1 5 ? -1.966  -1.945  -4.128  1.00 0.00 ? 5  T3P A C5M    1 
HETATM 148 C C6     . T3P A 1 5 ? -2.764  -3.865  -2.739  1.00 0.00 ? 5  T3P A C6     1 
HETATM 149 H "H5'1" . T3P A 1 5 ? -6.182  -8.571  -3.372  1.00 0.00 ? 5  T3P A "H5'1" 1 
HETATM 150 H "H5''" . T3P A 1 5 ? -5.768  -8.090  -1.714  1.00 0.00 ? 5  T3P A "H5''" 1 
HETATM 151 H "H4'"  . T3P A 1 5 ? -5.311  -6.409  -4.181  1.00 0.00 ? 5  T3P A "H4'"  1 
HETATM 152 H "H3'"  . T3P A 1 5 ? -3.652  -8.417  -3.347  1.00 0.00 ? 5  T3P A "H3'"  1 
HETATM 153 H "H2'"  . T3P A 1 5 ? -2.867  -7.699  -1.229  1.00 0.00 ? 5  T3P A "H2'"  1 
HETATM 154 H "H2''" . T3P A 1 5 ? -1.895  -6.563  -2.233  1.00 0.00 ? 5  T3P A "H2''" 1 
HETATM 155 H "H1'"  . T3P A 1 5 ? -4.073  -5.917  -0.443  1.00 0.00 ? 5  T3P A "H1'"  1 
HETATM 156 H H3     . T3P A 1 5 ? -1.235  -2.522  0.400   1.00 0.00 ? 5  T3P A H3     1 
HETATM 157 H H51    . T3P A 1 5 ? -2.487  -2.469  -4.929  1.00 0.00 ? 5  T3P A H51    1 
HETATM 158 H H52    . T3P A 1 5 ? -2.423  -0.963  -4.005  1.00 0.00 ? 5  T3P A H52    1 
HETATM 159 H H53    . T3P A 1 5 ? -0.919  -1.799  -4.395  1.00 0.00 ? 5  T3P A H53    1 
HETATM 160 H H6     . T3P A 1 5 ? -3.214  -4.339  -3.602  1.00 0.00 ? 5  T3P A H6     1 
ATOM   161 P P      . DG  A 1 6 ? -8.380  -7.406  -1.464  1.00 0.00 ? 6  DG  A P      1 
ATOM   162 O OP1    . DG  A 1 6 ? -8.315  -8.856  -1.168  1.00 0.00 ? 6  DG  A OP1    1 
ATOM   163 O OP2    . DG  A 1 6 ? -9.672  -6.780  -1.820  1.00 0.00 ? 6  DG  A OP2    1 
ATOM   164 O "O5'"  . DG  A 1 6 ? -7.746  -6.579  -0.233  1.00 0.00 ? 6  DG  A "O5'"  1 
ATOM   165 C "C5'"  . DG  A 1 6 ? -7.404  -7.192  0.996   1.00 0.00 ? 6  DG  A "C5'"  1 
ATOM   166 C "C4'"  . DG  A 1 6 ? -7.138  -6.122  2.059   1.00 0.00 ? 6  DG  A "C4'"  1 
ATOM   167 O "O4'"  . DG  A 1 6 ? -5.854  -5.516  1.958   1.00 0.00 ? 6  DG  A "O4'"  1 
ATOM   168 C "C3'"  . DG  A 1 6 ? -8.236  -5.075  2.172   1.00 0.00 ? 6  DG  A "C3'"  1 
ATOM   169 O "O3'"  . DG  A 1 6 ? -9.241  -5.342  3.137   1.00 0.00 ? 6  DG  A "O3'"  1 
ATOM   170 C "C2'"  . DG  A 1 6 ? -7.394  -3.906  2.656   1.00 0.00 ? 6  DG  A "C2'"  1 
ATOM   171 C "C1'"  . DG  A 1 6 ? -5.917  -4.206  2.496   1.00 0.00 ? 6  DG  A "C1'"  1 
ATOM   172 N N9     . DG  A 1 6 ? -5.317  -3.222  1.605   1.00 0.00 ? 6  DG  A N9     1 
ATOM   173 C C8     . DG  A 1 6 ? -5.479  -3.151  0.267   1.00 0.00 ? 6  DG  A C8     1 
ATOM   174 N N7     . DG  A 1 6 ? -4.879  -2.127  -0.288  1.00 0.00 ? 6  DG  A N7     1 
ATOM   175 C C5     . DG  A 1 6 ? -4.309  -1.448  0.806   1.00 0.00 ? 6  DG  A C5     1 
ATOM   176 C C6     . DG  A 1 6 ? -3.529  -0.239  0.918   1.00 0.00 ? 6  DG  A C6     1 
ATOM   177 O O6     . DG  A 1 6 ? -3.057  0.487   0.045   1.00 0.00 ? 6  DG  A O6     1 
ATOM   178 N N1     . DG  A 1 6 ? -3.319  0.157   2.229   1.00 0.00 ? 6  DG  A N1     1 
ATOM   179 C C2     . DG  A 1 6 ? -3.742  -0.544  3.315   1.00 0.00 ? 6  DG  A C2     1 
ATOM   180 N N2     . DG  A 1 6 ? -3.554  -0.018  4.500   1.00 0.00 ? 6  DG  A N2     1 
ATOM   181 N N3     . DG  A 1 6 ? -4.386  -1.705  3.258   1.00 0.00 ? 6  DG  A N3     1 
ATOM   182 C C4     . DG  A 1 6 ? -4.640  -2.096  1.977   1.00 0.00 ? 6  DG  A C4     1 
ATOM   183 H "H5'"  . DG  A 1 6 ? -6.523  -7.821  0.872   1.00 0.00 ? 6  DG  A "H5'"  1 
ATOM   184 H "H5''" . DG  A 1 6 ? -8.241  -7.807  1.330   1.00 0.00 ? 6  DG  A "H5''" 1 
ATOM   185 H "H4'"  . DG  A 1 6 ? -7.132  -6.570  3.024   1.00 0.00 ? 6  DG  A "H4'"  1 
ATOM   186 H "H3'"  . DG  A 1 6 ? -8.710  -4.927  1.192   1.00 0.00 ? 6  DG  A "H3'"  1 
ATOM   187 H "H2'"  . DG  A 1 6 ? -7.681  -3.062  2.084   1.00 0.00 ? 6  DG  A "H2'"  1 
ATOM   188 H "H2''" . DG  A 1 6 ? -7.554  -3.694  3.693   1.00 0.00 ? 6  DG  A "H2''" 1 
ATOM   189 H "H1'"  . DG  A 1 6 ? -5.398  -4.095  3.457   1.00 0.00 ? 6  DG  A "H1'"  1 
ATOM   190 H H8     . DG  A 1 6 ? -6.077  -3.948  -0.158  1.00 0.00 ? 6  DG  A H8     1 
ATOM   191 H H1     . DG  A 1 6 ? -2.827  1.032   2.364   1.00 0.00 ? 6  DG  A H1     1 
ATOM   192 H H21    . DG  A 1 6 ? -3.122  0.904   4.617   1.00 0.00 ? 6  DG  A H21    1 
ATOM   193 H H22    . DG  A 1 6 ? -3.866  -0.575  5.273   1.00 0.00 ? 6  DG  A H22    1 
ATOM   194 P P      . DC  A 1 7 ? -10.547 -4.379  3.274   1.00 0.00 ? 7  DC  A P      1 
ATOM   195 O OP1    . DC  A 1 7 ? -11.439 -4.972  4.293   1.00 0.00 ? 7  DC  A OP1    1 
ATOM   196 O OP2    . DC  A 1 7 ? -11.065 -4.121  1.913   1.00 0.00 ? 7  DC  A OP2    1 
ATOM   197 O "O5'"  . DC  A 1 7 ? -9.982  -2.969  3.856   1.00 0.00 ? 7  DC  A "O5'"  1 
ATOM   198 C "C5'"  . DC  A 1 7 ? -9.639  -2.824  5.223   1.00 0.00 ? 7  DC  A "C5'"  1 
ATOM   199 C "C4'"  . DC  A 1 7 ? -9.042  -1.452  5.564   1.00 0.00 ? 7  DC  A "C4'"  1 
ATOM   200 O "O4'"  . DC  A 1 7 ? -7.708  -1.221  5.172   1.00 0.00 ? 7  DC  A "O4'"  1 
ATOM   201 C "C3'"  . DC  A 1 7 ? -9.902  -0.229  5.253   1.00 0.00 ? 7  DC  A "C3'"  1 
ATOM   202 O "O3'"  . DC  A 1 7 ? -10.872 -0.128  6.278   1.00 0.00 ? 7  DC  A "O3'"  1 
ATOM   203 C "C2'"  . DC  A 1 7 ? -8.840  0.892   5.331   1.00 0.00 ? 7  DC  A "C2'"  1 
ATOM   204 C "C1'"  . DC  A 1 7 ? -7.495  0.186   5.120   1.00 0.00 ? 7  DC  A "C1'"  1 
ATOM   205 N N1     . DC  A 1 7 ? -7.018  0.557   3.773   1.00 0.00 ? 7  DC  A N1     1 
ATOM   206 C C2     . DC  A 1 7 ? -6.283  1.727   3.601   1.00 0.00 ? 7  DC  A C2     1 
ATOM   207 O O2     . DC  A 1 7 ? -5.968  2.430   4.559   1.00 0.00 ? 7  DC  A O2     1 
ATOM   208 N N3     . DC  A 1 7 ? -5.937  2.123   2.356   1.00 0.00 ? 7  DC  A N3     1 
ATOM   209 C C4     . DC  A 1 7 ? -6.320  1.405   1.312   1.00 0.00 ? 7  DC  A C4     1 
ATOM   210 N N4     . DC  A 1 7 ? -5.902  1.816   0.144   1.00 0.00 ? 7  DC  A N4     1 
ATOM   211 C C5     . DC  A 1 7 ? -7.117  0.226   1.437   1.00 0.00 ? 7  DC  A C5     1 
ATOM   212 C C6     . DC  A 1 7 ? -7.474  -0.146  2.699   1.00 0.00 ? 7  DC  A C6     1 
ATOM   213 H "H5'"  . DC  A 1 7 ? -8.925  -3.597  5.506   1.00 0.00 ? 7  DC  A "H5'"  1 
ATOM   214 H "H5''" . DC  A 1 7 ? -10.541 -2.963  5.820   1.00 0.00 ? 7  DC  A "H5''" 1 
ATOM   215 H "H4'"  . DC  A 1 7 ? -8.928  -1.446  6.619   1.00 0.00 ? 7  DC  A "H4'"  1 
ATOM   216 H "H3'"  . DC  A 1 7 ? -10.388 -0.322  4.258   1.00 0.00 ? 7  DC  A "H3'"  1 
ATOM   217 H "H2'"  . DC  A 1 7 ? -9.006  1.610   4.525   1.00 0.00 ? 7  DC  A "H2'"  1 
ATOM   218 H "H2''" . DC  A 1 7 ? -8.803  1.421   6.301   1.00 0.00 ? 7  DC  A "H2''" 1 
ATOM   219 H "H1'"  . DC  A 1 7 ? -6.760  0.492   5.877   1.00 0.00 ? 7  DC  A "H1'"  1 
ATOM   220 H H41    . DC  A 1 7 ? -5.275  2.625   0.147   1.00 0.00 ? 7  DC  A H41    1 
ATOM   221 H H42    . DC  A 1 7 ? -6.069  1.283   -0.686  1.00 0.00 ? 7  DC  A H42    1 
ATOM   222 H H5     . DC  A 1 7 ? -7.402  -0.317  0.549   1.00 0.00 ? 7  DC  A H5     1 
ATOM   223 H H6     . DC  A 1 7 ? -8.115  -0.974  3.003   1.00 0.00 ? 7  DC  A H6     1 
ATOM   224 P P      . DT  A 1 8 ? -12.097 0.909   6.200   1.00 0.00 ? 8  DT  A P      1 
ATOM   225 O OP1    . DT  A 1 8 ? -13.010 0.645   7.334   1.00 0.00 ? 8  DT  A OP1    1 
ATOM   226 O OP2    . DT  A 1 8 ? -12.617 0.915   4.815   1.00 0.00 ? 8  DT  A OP2    1 
ATOM   227 O "O5'"  . DT  A 1 8 ? -11.365 2.314   6.451   1.00 0.00 ? 8  DT  A "O5'"  1 
ATOM   228 C "C5'"  . DT  A 1 8 ? -10.861 2.713   7.716   1.00 0.00 ? 8  DT  A "C5'"  1 
ATOM   229 C "C4'"  . DT  A 1 8 ? -10.400 4.173   7.593   1.00 0.00 ? 8  DT  A "C4'"  1 
ATOM   230 O "O4'"  . DT  A 1 8 ? -9.370  4.258   6.615   1.00 0.00 ? 8  DT  A "O4'"  1 
ATOM   231 C "C3'"  . DT  A 1 8 ? -11.582 5.041   7.152   1.00 0.00 ? 8  DT  A "C3'"  1 
ATOM   232 O "O3'"  . DT  A 1 8 ? -11.947 5.967   8.169   1.00 0.00 ? 8  DT  A "O3'"  1 
ATOM   233 C "C2'"  . DT  A 1 8 ? -11.056 5.779   5.918   1.00 0.00 ? 8  DT  A "C2'"  1 
ATOM   234 C "C1'"  . DT  A 1 8 ? -9.597  5.352   5.740   1.00 0.00 ? 8  DT  A "C1'"  1 
ATOM   235 N N1     . DT  A 1 8 ? -9.291  4.993   4.337   1.00 0.00 ? 8  DT  A N1     1 
ATOM   236 C C2     . DT  A 1 8 ? -8.368  5.783   3.637   1.00 0.00 ? 8  DT  A C2     1 
ATOM   237 O O2     . DT  A 1 8 ? -7.837  6.786   4.105   1.00 0.00 ? 8  DT  A O2     1 
ATOM   238 N N3     . DT  A 1 8 ? -8.090  5.410   2.343   1.00 0.00 ? 8  DT  A N3     1 
ATOM   239 C C4     . DT  A 1 8 ? -8.678  4.361   1.669   1.00 0.00 ? 8  DT  A C4     1 
ATOM   240 O O4     . DT  A 1 8 ? -8.328  4.156   0.509   1.00 0.00 ? 8  DT  A O4     1 
ATOM   241 C C5     . DT  A 1 8 ? -9.691  3.625   2.435   1.00 0.00 ? 8  DT  A C5     1 
ATOM   242 C C7     . DT  A 1 8 ? -10.459 2.484   1.790   1.00 0.00 ? 8  DT  A C7     1 
ATOM   243 C C6     . DT  A 1 8 ? -9.961  3.956   3.729   1.00 0.00 ? 8  DT  A C6     1 
ATOM   244 H "H5'"  . DT  A 1 8 ? -10.028 2.081   8.016   1.00 0.00 ? 8  DT  A "H5'"  1 
ATOM   245 H "H5''" . DT  A 1 8 ? -11.650 2.647   8.467   1.00 0.00 ? 8  DT  A "H5''" 1 
ATOM   246 H "H4'"  . DT  A 1 8 ? -10.026 4.521   8.558   1.00 0.00 ? 8  DT  A "H4'"  1 
ATOM   247 H "H3'"  . DT  A 1 8 ? -12.418 4.363   6.901   1.00 0.00 ? 8  DT  A "H3'"  1 
ATOM   248 H "H2'"  . DT  A 1 8 ? -11.710 5.520   5.074   1.00 0.00 ? 8  DT  A "H2'"  1 
ATOM   249 H "H2''" . DT  A 1 8 ? -11.015 6.855   6.071   1.00 0.00 ? 8  DT  A "H2''" 1 
ATOM   250 H "H1'"  . DT  A 1 8 ? -8.940  6.189   6.018   1.00 0.00 ? 8  DT  A "H1'"  1 
ATOM   251 H H3     . DT  A 1 8 ? -7.462  6.015   1.820   1.00 0.00 ? 8  DT  A H3     1 
ATOM   252 H H71    . DT  A 1 8 ? -11.314 2.189   2.400   1.00 0.00 ? 8  DT  A H71    1 
ATOM   253 H H72    . DT  A 1 8 ? -10.808 2.781   0.800   1.00 0.00 ? 8  DT  A H72    1 
ATOM   254 H H73    . DT  A 1 8 ? -9.799  1.631   1.671   1.00 0.00 ? 8  DT  A H73    1 
ATOM   255 H H6     . DT  A 1 8 ? -10.702 3.426   4.331   1.00 0.00 ? 8  DT  A H6     1 
ATOM   256 P P      . DC  A 1 9 ? -13.226 6.965   8.033   1.00 0.00 ? 9  DC  A P      1 
ATOM   257 O OP1    . DC  A 1 9 ? -13.468 7.571   9.360   1.00 0.00 ? 9  DC  A OP1    1 
ATOM   258 O OP2    . DC  A 1 9 ? -14.313 6.221   7.359   1.00 0.00 ? 9  DC  A OP2    1 
ATOM   259 O "O5'"  . DC  A 1 9 ? -12.738 8.141   7.027   1.00 0.00 ? 9  DC  A "O5'"  1 
ATOM   260 C "C5'"  . DC  A 1 9 ? -11.758 9.097   7.408   1.00 0.00 ? 9  DC  A "C5'"  1 
ATOM   261 C "C4'"  . DC  A 1 9 ? -11.225 9.917   6.217   1.00 0.00 ? 9  DC  A "C4'"  1 
ATOM   262 O "O4'"  . DC  A 1 9 ? -10.403 9.160   5.336   1.00 0.00 ? 9  DC  A "O4'"  1 
ATOM   263 C "C3'"  . DC  A 1 9 ? -12.309 10.567  5.352   1.00 0.00 ? 9  DC  A "C3'"  1 
ATOM   264 O "O3'"  . DC  A 1 9 ? -12.576 11.886  5.789   1.00 0.00 ? 9  DC  A "O3'"  1 
ATOM   265 C "C2'"  . DC  A 1 9 ? -11.697 10.588  3.925   1.00 0.00 ? 9  DC  A "C2'"  1 
ATOM   266 C "C1'"  . DC  A 1 9 ? -10.424 9.737   4.034   1.00 0.00 ? 9  DC  A "C1'"  1 
ATOM   267 N N1     . DC  A 1 9 ? -10.396 8.717   2.954   1.00 0.00 ? 9  DC  A N1     1 
ATOM   268 C C2     . DC  A 1 9 ? -9.607  8.919   1.818   1.00 0.00 ? 9  DC  A C2     1 
ATOM   269 O O2     . DC  A 1 9 ? -8.865  9.893   1.709   1.00 0.00 ? 9  DC  A O2     1 
ATOM   270 N N3     . DC  A 1 9 ? -9.707  8.064   0.769   1.00 0.00 ? 9  DC  A N3     1 
ATOM   271 C C4     . DC  A 1 9 ? -10.586 7.078   0.809   1.00 0.00 ? 9  DC  A C4     1 
ATOM   272 N N4     . DC  A 1 9 ? -10.654 6.303   -0.244  1.00 0.00 ? 9  DC  A N4     1 
ATOM   273 C C5     . DC  A 1 9 ? -11.473 6.882   1.907   1.00 0.00 ? 9  DC  A C5     1 
ATOM   274 C C6     . DC  A 1 9 ? -11.335 7.729   2.962   1.00 0.00 ? 9  DC  A C6     1 
ATOM   275 H "H5'"  . DC  A 1 9 ? -10.915 8.589   7.879   1.00 0.00 ? 9  DC  A "H5'"  1 
ATOM   276 H "H5''" . DC  A 1 9 ? -12.201 9.779   8.135   1.00 0.00 ? 9  DC  A "H5''" 1 
ATOM   277 H "H4'"  . DC  A 1 9 ? -10.605 10.715  6.641   1.00 0.00 ? 9  DC  A "H4'"  1 
ATOM   278 H "H3'"  . DC  A 1 9 ? -13.216 9.935   5.442   1.00 0.00 ? 9  DC  A "H3'"  1 
ATOM   279 H "HO3'" . DC  A 1 9 ? -13.275 12.268  5.251   1.00 0.00 ? 9  DC  A "HO3'" 1 
ATOM   280 H "H2'"  . DC  A 1 9 ? -12.382 10.174  3.167   1.00 0.00 ? 9  DC  A "H2'"  1 
ATOM   281 H "H2''" . DC  A 1 9 ? -11.382 11.598  3.610   1.00 0.00 ? 9  DC  A "H2''" 1 
ATOM   282 H "H1'"  . DC  A 1 9 ? -9.541  10.367  3.926   1.00 0.00 ? 9  DC  A "H1'"  1 
ATOM   283 H H41    . DC  A 1 9 ? -10.004 6.498   -1.010  1.00 0.00 ? 9  DC  A H41    1 
ATOM   284 H H42    . DC  A 1 9 ? -11.283 5.526   -0.278  1.00 0.00 ? 9  DC  A H42    1 
ATOM   285 H H5     . DC  A 1 9 ? -12.233 6.117   1.864   1.00 0.00 ? 9  DC  A H5     1 
ATOM   286 H H6     . DC  A 1 9 ? -11.954 7.745   3.842   1.00 0.00 ? 9  DC  A H6     1 
ATOM   287 O "O5'"  . G   B 2 1 ? -6.536  12.702  -10.055 1.00 0.00 ? 10 G   B "O5'"  1 
ATOM   288 C "C5'"  . G   B 2 1 ? -5.907  11.734  -9.238  1.00 0.00 ? 10 G   B "C5'"  1 
ATOM   289 C "C4'"  . G   B 2 1 ? -6.026  12.135  -7.777  1.00 0.00 ? 10 G   B "C4'"  1 
ATOM   290 O "O4'"  . G   B 2 1 ? -7.285  11.720  -7.256  1.00 0.00 ? 10 G   B "O4'"  1 
ATOM   291 C "C3'"  . G   B 2 1 ? -4.973  11.558  -6.827  1.00 0.00 ? 10 G   B "C3'"  1 
ATOM   292 O "O3'"  . G   B 2 1 ? -3.753  12.279  -6.877  1.00 0.00 ? 10 G   B "O3'"  1 
ATOM   293 C "C2'"  . G   B 2 1 ? -5.707  11.626  -5.476  1.00 0.00 ? 10 G   B "C2'"  1 
ATOM   294 O "O2'"  . G   B 2 1 ? -5.540  12.849  -4.783  1.00 0.00 ? 10 G   B "O2'"  1 
ATOM   295 C "C1'"  . G   B 2 1 ? -7.171  11.562  -5.844  1.00 0.00 ? 10 G   B "C1'"  1 
ATOM   296 N N9     . G   B 2 1 ? -7.713  10.298  -5.329  1.00 0.00 ? 10 G   B N9     1 
ATOM   297 C C8     . G   B 2 1 ? -7.730  9.103   -5.963  1.00 0.00 ? 10 G   B C8     1 
ATOM   298 N N7     . G   B 2 1 ? -8.160  8.104   -5.245  1.00 0.00 ? 10 G   B N7     1 
ATOM   299 C C5     . G   B 2 1 ? -8.365  8.686   -3.988  1.00 0.00 ? 10 G   B C5     1 
ATOM   300 C C6     . G   B 2 1 ? -8.762  8.118   -2.731  1.00 0.00 ? 10 G   B C6     1 
ATOM   301 O O6     . G   B 2 1 ? -9.121  6.974   -2.463  1.00 0.00 ? 10 G   B O6     1 
ATOM   302 N N1     . G   B 2 1 ? -8.712  9.027   -1.689  1.00 0.00 ? 10 G   B N1     1 
ATOM   303 C C2     . G   B 2 1 ? -8.360  10.333  -1.825  1.00 0.00 ? 10 G   B C2     1 
ATOM   304 N N2     . G   B 2 1 ? -8.313  11.058  -0.731  1.00 0.00 ? 10 G   B N2     1 
ATOM   305 N N3     . G   B 2 1 ? -8.031  10.908  -2.982  1.00 0.00 ? 10 G   B N3     1 
ATOM   306 C C4     . G   B 2 1 ? -8.050  10.028  -4.027  1.00 0.00 ? 10 G   B C4     1 
ATOM   307 H "H5'"  . G   B 2 1 ? -4.858  11.635  -9.523  1.00 0.00 ? 10 G   B "H5'"  1 
ATOM   308 H "H5''" . G   B 2 1 ? -6.431  10.802  -9.354  1.00 0.00 ? 10 G   B "H5''" 1 
ATOM   309 H "H4'"  . G   B 2 1 ? -5.942  13.208  -7.789  1.00 0.00 ? 10 G   B "H4'"  1 
ATOM   310 H "H3'"  . G   B 2 1 ? -4.775  10.520  -7.075  1.00 0.00 ? 10 G   B "H3'"  1 
ATOM   311 H "H2'"  . G   B 2 1 ? -5.511  10.755  -4.850  1.00 0.00 ? 10 G   B "H2'"  1 
ATOM   312 H "HO2'" . G   B 2 1 ? -5.164  12.660  -3.903  1.00 0.00 ? 10 G   B "HO2'" 1 
ATOM   313 H "H1'"  . G   B 2 1 ? -7.683  12.342  -5.312  1.00 0.00 ? 10 G   B "H1'"  1 
ATOM   314 H H8     . G   B 2 1 ? -7.373  9.077   -6.967  1.00 0.00 ? 10 G   B H8     1 
ATOM   315 H H1     . G   B 2 1 ? -8.962  8.678   -0.771  1.00 0.00 ? 10 G   B H1     1 
ATOM   316 H H21    . G   B 2 1 ? -8.478  10.642  0.196   1.00 0.00 ? 10 G   B H21    1 
ATOM   317 H H22    . G   B 2 1 ? -8.060  12.020  -0.849  1.00 0.00 ? 10 G   B H22    1 
ATOM   318 H "HO5'" . G   B 2 1 ? -7.463  12.762  -9.803  1.00 0.00 ? 10 G   B "HO5'" 1 
ATOM   319 P P      . A   B 2 2 ? -2.384  11.671  -6.272  1.00 0.00 ? 11 A   B P      1 
ATOM   320 O OP1    . A   B 2 2 ? -1.275  12.578  -6.644  1.00 0.00 ? 11 A   B OP1    1 
ATOM   321 O OP2    . A   B 2 2 ? -2.314  10.239  -6.631  1.00 0.00 ? 11 A   B OP2    1 
ATOM   322 O "O5'"  . A   B 2 2 ? -2.608  11.772  -4.682  1.00 0.00 ? 11 A   B "O5'"  1 
ATOM   323 C "C5'"  . A   B 2 2 ? -2.555  13.017  -4.012  1.00 0.00 ? 11 A   B "C5'"  1 
ATOM   324 C "C4'"  . A   B 2 2 ? -3.028  12.847  -2.566  1.00 0.00 ? 11 A   B "C4'"  1 
ATOM   325 O "O4'"  . A   B 2 2 ? -4.329  12.256  -2.464  1.00 0.00 ? 11 A   B "O4'"  1 
ATOM   326 C "C3'"  . A   B 2 2 ? -2.095  11.962  -1.752  1.00 0.00 ? 11 A   B "C3'"  1 
ATOM   327 O "O3'"  . A   B 2 2 ? -0.901  12.620  -1.363  1.00 0.00 ? 11 A   B "O3'"  1 
ATOM   328 C "C2'"  . A   B 2 2 ? -3.035  11.654  -0.585  1.00 0.00 ? 11 A   B "C2'"  1 
ATOM   329 O "O2'"  . A   B 2 2 ? -3.165  12.720  0.344   1.00 0.00 ? 11 A   B "O2'"  1 
ATOM   330 C "C1'"  . A   B 2 2 ? -4.382  11.477  -1.267  1.00 0.00 ? 11 A   B "C1'"  1 
ATOM   331 N N9     . A   B 2 2 ? -4.690  10.057  -1.521  1.00 0.00 ? 11 A   B N9     1 
ATOM   332 C C8     . A   B 2 2 ? -4.588  9.349   -2.685  1.00 0.00 ? 11 A   B C8     1 
ATOM   333 N N7     . A   B 2 2 ? -5.116  8.154   -2.628  1.00 0.00 ? 11 A   B N7     1 
ATOM   334 C C5     . A   B 2 2 ? -5.555  8.048   -1.299  1.00 0.00 ? 11 A   B C5     1 
ATOM   335 C C6     . A   B 2 2 ? -6.213  7.054   -0.526  1.00 0.00 ? 11 A   B C6     1 
ATOM   336 N N6     . A   B 2 2 ? -6.617  5.884   -0.994  1.00 0.00 ? 11 A   B N6     1 
ATOM   337 N N1     . A   B 2 2 ? -6.493  7.271   0.768   1.00 0.00 ? 11 A   B N1     1 
ATOM   338 C C2     . A   B 2 2 ? -6.149  8.445   1.293   1.00 0.00 ? 11 A   B C2     1 
ATOM   339 N N3     . A   B 2 2 ? -5.547  9.469   0.690   1.00 0.00 ? 11 A   B N3     1 
ATOM   340 C C4     . A   B 2 2 ? -5.276  9.202   -0.617  1.00 0.00 ? 11 A   B C4     1 
ATOM   341 H "H5'"  . A   B 2 2 ? -3.191  13.742  -4.520  1.00 0.00 ? 11 A   B "H5'"  1 
ATOM   342 H "H5''" . A   B 2 2 ? -1.530  13.391  -4.020  1.00 0.00 ? 11 A   B "H5''" 1 
ATOM   343 H "H4'"  . A   B 2 2 ? -3.055  13.828  -2.089  1.00 0.00 ? 11 A   B "H4'"  1 
ATOM   344 H "H3'"  . A   B 2 2 ? -1.866  11.053  -2.327  1.00 0.00 ? 11 A   B "H3'"  1 
ATOM   345 H "H2'"  . A   B 2 2 ? -2.750  10.762  -0.063  1.00 0.00 ? 11 A   B "H2'"  1 
ATOM   346 H "HO2'" . A   B 2 2 ? -3.307  12.338  1.219   1.00 0.00 ? 11 A   B "HO2'" 1 
ATOM   347 H "H1'"  . A   B 2 2 ? -5.153  11.811  -0.581  1.00 0.00 ? 11 A   B "H1'"  1 
ATOM   348 H H8     . A   B 2 2 ? -4.130  9.793   -3.558  1.00 0.00 ? 11 A   B H8     1 
ATOM   349 H H61    . A   B 2 2 ? -7.151  5.253   -0.396  1.00 0.00 ? 11 A   B H61    1 
ATOM   350 H H62    . A   B 2 2 ? -6.472  5.685   -1.968  1.00 0.00 ? 11 A   B H62    1 
ATOM   351 H H2     . A   B 2 2 ? -6.364  8.590   2.344   1.00 0.00 ? 11 A   B H2     1 
ATOM   352 P P      . G   B 2 3 ? 0.389   11.792  -0.857  1.00 0.00 ? 12 G   B P      1 
ATOM   353 O OP1    . G   B 2 3 ? 1.448   12.762  -0.505  1.00 0.00 ? 12 G   B OP1    1 
ATOM   354 O OP2    . G   B 2 3 ? 0.663   10.730  -1.849  1.00 0.00 ? 12 G   B OP2    1 
ATOM   355 O "O5'"  . G   B 2 3 ? -0.122  11.083  0.495   1.00 0.00 ? 12 G   B "O5'"  1 
ATOM   356 C "C5'"  . G   B 2 3 ? -0.286  11.802  1.704   1.00 0.00 ? 12 G   B "C5'"  1 
ATOM   357 C "C4'"  . G   B 2 3 ? -0.992  10.914  2.735   1.00 0.00 ? 12 G   B "C4'"  1 
ATOM   358 O "O4'"  . G   B 2 3 ? -2.251  10.459  2.249   1.00 0.00 ? 12 G   B "O4'"  1 
ATOM   359 C "C3'"  . G   B 2 3 ? -0.201  9.653   3.060   1.00 0.00 ? 12 G   B "C3'"  1 
ATOM   360 O "O3'"  . G   B 2 3 ? 0.884   9.884   3.942   1.00 0.00 ? 12 G   B "O3'"  1 
ATOM   361 C "C2'"  . G   B 2 3 ? -1.309  8.772   3.634   1.00 0.00 ? 12 G   B "C2'"  1 
ATOM   362 O "O2'"  . G   B 2 3 ? -1.605  8.996   5.000   1.00 0.00 ? 12 G   B "O2'"  1 
ATOM   363 C "C1'"  . G   B 2 3 ? -2.526  9.188   2.826   1.00 0.00 ? 12 G   B "C1'"  1 
ATOM   364 N N9     . G   B 2 3 ? -2.797  8.109   1.861   1.00 0.00 ? 12 G   B N9     1 
ATOM   365 C C8     . G   B 2 3 ? -2.351  7.940   0.584   1.00 0.00 ? 12 G   B C8     1 
ATOM   366 N N7     . G   B 2 3 ? -2.700  6.811   0.033   1.00 0.00 ? 12 G   B N7     1 
ATOM   367 C C5     . G   B 2 3 ? -3.409  6.158   1.045   1.00 0.00 ? 12 G   B C5     1 
ATOM   368 C C6     . G   B 2 3 ? -4.052  4.874   1.096   1.00 0.00 ? 12 G   B C6     1 
ATOM   369 O O6     . G   B 2 3 ? -4.189  4.024   0.219   1.00 0.00 ? 12 G   B O6     1 
ATOM   370 N N1     . G   B 2 3 ? -4.571  4.583   2.343   1.00 0.00 ? 12 G   B N1     1 
ATOM   371 C C2     . G   B 2 3 ? -4.533  5.426   3.409   1.00 0.00 ? 12 G   B C2     1 
ATOM   372 N N2     . G   B 2 3 ? -5.027  4.992   4.543   1.00 0.00 ? 12 G   B N2     1 
ATOM   373 N N3     . G   B 2 3 ? -3.980  6.636   3.392   1.00 0.00 ? 12 G   B N3     1 
ATOM   374 C C4     . G   B 2 3 ? -3.436  6.941   2.177   1.00 0.00 ? 12 G   B C4     1 
ATOM   375 H "H5'"  . G   B 2 3 ? -0.884  12.696  1.526   1.00 0.00 ? 12 G   B "H5'"  1 
ATOM   376 H "H5''" . G   B 2 3 ? 0.691   12.103  2.086   1.00 0.00 ? 12 G   B "H5''" 1 
ATOM   377 H "H4'"  . G   B 2 3 ? -1.146  11.472  3.660   1.00 0.00 ? 12 G   B "H4'"  1 
ATOM   378 H "H3'"  . G   B 2 3 ? 0.154   9.209   2.130   1.00 0.00 ? 12 G   B "H3'"  1 
ATOM   379 H "H2'"  . G   B 2 3 ? -1.088  7.728   3.446   1.00 0.00 ? 12 G   B "H2'"  1 
ATOM   380 H "HO2'" . G   B 2 3 ? -1.726  8.130   5.417   1.00 0.00 ? 12 G   B "HO2'" 1 
ATOM   381 H "H1'"  . G   B 2 3 ? -3.393  9.239   3.477   1.00 0.00 ? 12 G   B "H1'"  1 
ATOM   382 H H8     . G   B 2 3 ? -1.757  8.692   0.109   1.00 0.00 ? 12 G   B H8     1 
ATOM   383 H H1     . G   B 2 3 ? -5.020  3.679   2.432   1.00 0.00 ? 12 G   B H1     1 
ATOM   384 H H21    . G   B 2 3 ? -5.401  4.038   4.621   1.00 0.00 ? 12 G   B H21    1 
ATOM   385 H H22    . G   B 2 3 ? -5.059  5.653   5.294   1.00 0.00 ? 12 G   B H22    1 
ATOM   386 P P      . C   B 2 4 ? 2.084   8.814   4.105   1.00 0.00 ? 13 C   B P      1 
ATOM   387 O OP1    . C   B 2 4 ? 3.087   9.386   5.030   1.00 0.00 ? 13 C   B OP1    1 
ATOM   388 O OP2    . C   B 2 4 ? 2.492   8.375   2.754   1.00 0.00 ? 13 C   B OP2    1 
ATOM   389 O "O5'"  . C   B 2 4 ? 1.382   7.561   4.835   1.00 0.00 ? 13 C   B "O5'"  1 
ATOM   390 C "C5'"  . C   B 2 4 ? 0.999   7.614   6.196   1.00 0.00 ? 13 C   B "C5'"  1 
ATOM   391 C "C4'"  . C   B 2 4 ? 0.151   6.386   6.539   1.00 0.00 ? 13 C   B "C4'"  1 
ATOM   392 O "O4'"  . C   B 2 4 ? -0.943  6.215   5.639   1.00 0.00 ? 13 C   B "O4'"  1 
ATOM   393 C "C3'"  . C   B 2 4 ? 0.950   5.090   6.480   1.00 0.00 ? 13 C   B "C3'"  1 
ATOM   394 O "O3'"  . C   B 2 4 ? 1.793   4.939   7.612   1.00 0.00 ? 13 C   B "O3'"  1 
ATOM   395 C "C2'"  . C   B 2 4 ? -0.197  4.084   6.385   1.00 0.00 ? 13 C   B "C2'"  1 
ATOM   396 O "O2'"  . C   B 2 4 ? -0.802  3.778   7.629   1.00 0.00 ? 13 C   B "O2'"  1 
ATOM   397 C "C1'"  . C   B 2 4 ? -1.217  4.818   5.524   1.00 0.00 ? 13 C   B "C1'"  1 
ATOM   398 N N1     . C   B 2 4 ? -1.190  4.288   4.130   1.00 0.00 ? 13 C   B N1     1 
ATOM   399 C C2     . C   B 2 4 ? -1.825  3.067   3.875   1.00 0.00 ? 13 C   B C2     1 
ATOM   400 O O2     . C   B 2 4 ? -2.363  2.430   4.778   1.00 0.00 ? 13 C   B O2     1 
ATOM   401 N N3     . C   B 2 4 ? -1.844  2.551   2.621   1.00 0.00 ? 13 C   B N3     1 
ATOM   402 C C4     . C   B 2 4 ? -1.227  3.199   1.645   1.00 0.00 ? 13 C   B C4     1 
ATOM   403 N N4     . C   B 2 4 ? -1.303  2.673   0.445   1.00 0.00 ? 13 C   B N4     1 
ATOM   404 C C5     . C   B 2 4 ? -0.532  4.427   1.861   1.00 0.00 ? 13 C   B C5     1 
ATOM   405 C C6     . C   B 2 4 ? -0.531  4.935   3.119   1.00 0.00 ? 13 C   B C6     1 
ATOM   406 H "H5'"  . C   B 2 4 ? 0.423   8.518   6.386   1.00 0.00 ? 13 C   B "H5'"  1 
ATOM   407 H "H5''" . C   B 2 4 ? 1.891   7.633   6.826   1.00 0.00 ? 13 C   B "H5''" 1 
ATOM   408 H "H4'"  . C   B 2 4 ? -0.241  6.492   7.553   1.00 0.00 ? 13 C   B "H4'"  1 
ATOM   409 H "H3'"  . C   B 2 4 ? 1.531   5.070   5.557   1.00 0.00 ? 13 C   B "H3'"  1 
ATOM   410 H "H2'"  . C   B 2 4 ? 0.100   3.174   5.889   1.00 0.00 ? 13 C   B "H2'"  1 
ATOM   411 H "HO2'" . C   B 2 4 ? -0.776  2.812   7.735   1.00 0.00 ? 13 C   B "HO2'" 1 
ATOM   412 H "H1'"  . C   B 2 4 ? -2.194  4.596   5.933   1.00 0.00 ? 13 C   B "H1'"  1 
ATOM   413 H H41    . C   B 2 4 ? -1.906  1.855   0.325   1.00 0.00 ? 13 C   B H41    1 
ATOM   414 H H42    . C   B 2 4 ? -0.952  3.174   -0.347  1.00 0.00 ? 13 C   B H42    1 
ATOM   415 H H5     . C   B 2 4 ? -0.026  4.942   1.060   1.00 0.00 ? 13 C   B H5     1 
ATOM   416 H H6     . C   B 2 4 ? -0.017  5.853   3.357   1.00 0.00 ? 13 C   B H6     1 
ATOM   417 P P      . A   B 2 5 ? 3.017   3.886   7.639   1.00 0.00 ? 14 A   B P      1 
ATOM   418 O OP1    . A   B 2 5 ? 3.796   4.119   8.875   1.00 0.00 ? 14 A   B OP1    1 
ATOM   419 O OP2    . A   B 2 5 ? 3.691   3.929   6.324   1.00 0.00 ? 14 A   B OP2    1 
ATOM   420 O "O5'"  . A   B 2 5 ? 2.287   2.460   7.767   1.00 0.00 ? 14 A   B "O5'"  1 
ATOM   421 C "C5'"  . A   B 2 5 ? 1.641   2.053   8.958   1.00 0.00 ? 14 A   B "C5'"  1 
ATOM   422 C "C4'"  . A   B 2 5 ? 0.804   0.805   8.663   1.00 0.00 ? 14 A   B "C4'"  1 
ATOM   423 O "O4'"  . A   B 2 5 ? -0.089  1.045   7.580   1.00 0.00 ? 14 A   B "O4'"  1 
ATOM   424 C "C3'"  . A   B 2 5 ? 1.648   -0.410  8.280   1.00 0.00 ? 14 A   B "C3'"  1 
ATOM   425 O "O3'"  . A   B 2 5 ? 2.184   -1.043  9.432   1.00 0.00 ? 14 A   B "O3'"  1 
ATOM   426 C "C2'"  . A   B 2 5 ? 0.593   -1.233  7.536   1.00 0.00 ? 14 A   B "C2'"  1 
ATOM   427 O "O2'"  . A   B 2 5 ? -0.280  -1.959  8.385   1.00 0.00 ? 14 A   B "O2'"  1 
ATOM   428 C "C1'"  . A   B 2 5 ? -0.204  -0.156  6.823   1.00 0.00 ? 14 A   B "C1'"  1 
ATOM   429 N N9     . A   B 2 5 ? 0.287   0.004   5.437   1.00 0.00 ? 14 A   B N9     1 
ATOM   430 C C8     . A   B 2 5 ? 1.135   0.946   4.924   1.00 0.00 ? 14 A   B C8     1 
ATOM   431 N N7     . A   B 2 5 ? 1.215   0.951   3.624   1.00 0.00 ? 14 A   B N7     1 
ATOM   432 C C5     . A   B 2 5 ? 0.410   -0.134  3.257   1.00 0.00 ? 14 A   B C5     1 
ATOM   433 C C6     . A   B 2 5 ? 0.030   -0.715  2.027   1.00 0.00 ? 14 A   B C6     1 
ATOM   434 N N6     . A   B 2 5 ? 0.359   -0.206  0.853   1.00 0.00 ? 14 A   B N6     1 
ATOM   435 N N1     . A   B 2 5 ? -0.720  -1.827  2.007   1.00 0.00 ? 14 A   B N1     1 
ATOM   436 C C2     . A   B 2 5 ? -1.097  -2.356  3.168   1.00 0.00 ? 14 A   B C2     1 
ATOM   437 N N3     . A   B 2 5 ? -0.845  -1.899  4.393   1.00 0.00 ? 14 A   B N3     1 
ATOM   438 C C4     . A   B 2 5 ? -0.092  -0.764  4.364   1.00 0.00 ? 14 A   B C4     1 
ATOM   439 H "H5'"  . A   B 2 5 ? 0.987   2.849   9.315   1.00 0.00 ? 14 A   B "H5'"  1 
ATOM   440 H "H5''" . A   B 2 5 ? 2.384   1.833   9.726   1.00 0.00 ? 14 A   B "H5''" 1 
ATOM   441 H "H4'"  . A   B 2 5 ? 0.219   0.543   9.547   1.00 0.00 ? 14 A   B "H4'"  1 
ATOM   442 H "H3'"  . A   B 2 5 ? 2.435   -0.114  7.581   1.00 0.00 ? 14 A   B "H3'"  1 
ATOM   443 H "H2'"  . A   B 2 5 ? 1.025   -1.893  6.798   1.00 0.00 ? 14 A   B "H2'"  1 
ATOM   444 H "HO2'" . A   B 2 5 ? -0.299  -2.873  8.070   1.00 0.00 ? 14 A   B "HO2'" 1 
ATOM   445 H "H1'"  . A   B 2 5 ? -1.236  -0.472  6.760   1.00 0.00 ? 14 A   B "H1'"  1 
ATOM   446 H H8     . A   B 2 5 ? 1.656   1.636   5.561   1.00 0.00 ? 14 A   B H8     1 
ATOM   447 H H61    . A   B 2 5 ? 0.012   -0.623  -0.012  1.00 0.00 ? 14 A   B H61    1 
ATOM   448 H H62    . A   B 2 5 ? 0.912   0.632   0.835   1.00 0.00 ? 14 A   B H62    1 
ATOM   449 H H2     . A   B 2 5 ? -1.693  -3.259  3.122   1.00 0.00 ? 14 A   B H2     1 
ATOM   450 P P      . C   B 2 6 ? 3.517   -1.951  9.377   1.00 0.00 ? 15 C   B P      1 
ATOM   451 O OP1    . C   B 2 6 ? 3.841   -2.378  10.757  1.00 0.00 ? 15 C   B OP1    1 
ATOM   452 O OP2    . C   B 2 6 ? 4.527   -1.232  8.572   1.00 0.00 ? 15 C   B OP2    1 
ATOM   453 O "O5'"  . C   B 2 6 ? 3.065   -3.249  8.543   1.00 0.00 ? 15 C   B "O5'"  1 
ATOM   454 C "C5'"  . C   B 2 6 ? 2.195   -4.229  9.071   1.00 0.00 ? 15 C   B "C5'"  1 
ATOM   455 C "C4'"  . C   B 2 6 ? 1.648   -5.075  7.915   1.00 0.00 ? 15 C   B "C4'"  1 
ATOM   456 O "O4'"  . C   B 2 6 ? 1.001   -4.238  6.965   1.00 0.00 ? 15 C   B "O4'"  1 
ATOM   457 C "C3'"  . C   B 2 6 ? 2.715   -5.836  7.134   1.00 0.00 ? 15 C   B "C3'"  1 
ATOM   458 O "O3'"  . C   B 2 6 ? 3.135   -7.013  7.802   1.00 0.00 ? 15 C   B "O3'"  1 
ATOM   459 C "C2'"  . C   B 2 6 ? 1.963   -6.077  5.820   1.00 0.00 ? 15 C   B "C2'"  1 
ATOM   460 O "O2'"  . C   B 2 6 ? 1.010   -7.124  5.887   1.00 0.00 ? 15 C   B "O2'"  1 
ATOM   461 C "C1'"  . C   B 2 6 ? 1.204   -4.766  5.659   1.00 0.00 ? 15 C   B "C1'"  1 
ATOM   462 N N1     . C   B 2 6 ? 1.942   -3.868  4.726   1.00 0.00 ? 15 C   B N1     1 
ATOM   463 C C2     . C   B 2 6 ? 1.722   -4.039  3.358   1.00 0.00 ? 15 C   B C2     1 
ATOM   464 O O2     . C   B 2 6 ? 1.011   -4.950  2.937   1.00 0.00 ? 15 C   B O2     1 
ATOM   465 N N3     . C   B 2 6 ? 2.301   -3.203  2.467   1.00 0.00 ? 15 C   B N3     1 
ATOM   466 C C4     . C   B 2 6 ? 3.107   -2.247  2.895   1.00 0.00 ? 15 C   B C4     1 
ATOM   467 N N4     . C   B 2 6 ? 3.571   -1.432  1.980   1.00 0.00 ? 15 C   B N4     1 
ATOM   468 C C5     . C   B 2 6 ? 3.451   -2.099  4.275   1.00 0.00 ? 15 C   B C5     1 
ATOM   469 C C6     . C   B 2 6 ? 2.848   -2.935  5.157   1.00 0.00 ? 15 C   B C6     1 
ATOM   470 H "H5'"  . C   B 2 6 ? 1.362   -3.747  9.586   1.00 0.00 ? 15 C   B "H5'"  1 
ATOM   471 H "H5''" . C   B 2 6 ? 2.734   -4.861  9.777   1.00 0.00 ? 15 C   B "H5''" 1 
ATOM   472 H "H4'"  . C   B 2 6 ? 0.926   -5.798  8.300   1.00 0.00 ? 15 C   B "H4'"  1 
ATOM   473 H "H3'"  . C   B 2 6 ? 3.564   -5.177  6.949   1.00 0.00 ? 15 C   B "H3'"  1 
ATOM   474 H "H2'"  . C   B 2 6 ? 2.629   -6.230  4.973   1.00 0.00 ? 15 C   B "H2'"  1 
ATOM   475 H "HO2'" . C   B 2 6 ? 1.012   -7.578  5.035   1.00 0.00 ? 15 C   B "HO2'" 1 
ATOM   476 H "H1'"  . C   B 2 6 ? 0.240   -4.966  5.207   1.00 0.00 ? 15 C   B "H1'"  1 
ATOM   477 H H41    . C   B 2 6 ? 3.251   -1.605  1.021   1.00 0.00 ? 15 C   B H41    1 
ATOM   478 H H42    . C   B 2 6 ? 4.138   -0.643  2.218   1.00 0.00 ? 15 C   B H42    1 
ATOM   479 H H5     . C   B 2 6 ? 4.155   -1.364  4.629   1.00 0.00 ? 15 C   B H5     1 
ATOM   480 H H6     . C   B 2 6 ? 3.067   -2.874  6.209   1.00 0.00 ? 15 C   B H6     1 
ATOM   481 P P      . C   B 2 7 ? 4.541   -7.728  7.460   1.00 0.00 ? 16 C   B P      1 
ATOM   482 O OP1    . C   B 2 7 ? 4.701   -8.888  8.364   1.00 0.00 ? 16 C   B OP1    1 
ATOM   483 O OP2    . C   B 2 7 ? 5.585   -6.683  7.407   1.00 0.00 ? 16 C   B OP2    1 
ATOM   484 O "O5'"  . C   B 2 7 ? 4.322   -8.278  5.965   1.00 0.00 ? 16 C   B "O5'"  1 
ATOM   485 C "C5'"  . C   B 2 7 ? 3.451   -9.356  5.687   1.00 0.00 ? 16 C   B "C5'"  1 
ATOM   486 C "C4'"  . C   B 2 7 ? 3.189   -9.420  4.180   1.00 0.00 ? 16 C   B "C4'"  1 
ATOM   487 O "O4'"  . C   B 2 7 ? 2.690   -8.185  3.685   1.00 0.00 ? 16 C   B "O4'"  1 
ATOM   488 C "C3'"  . C   B 2 7 ? 4.433   -9.716  3.351   1.00 0.00 ? 16 C   B "C3'"  1 
ATOM   489 O "O3'"  . C   B 2 7 ? 4.796   -11.084 3.412   1.00 0.00 ? 16 C   B "O3'"  1 
ATOM   490 C "C2'"  . C   B 2 7 ? 3.957   -9.234  1.979   1.00 0.00 ? 16 C   B "C2'"  1 
ATOM   491 O "O2'"  . C   B 2 7 ? 3.071   -10.129 1.326   1.00 0.00 ? 16 C   B "O2'"  1 
ATOM   492 C "C1'"  . C   B 2 7 ? 3.171   -7.991  2.360   1.00 0.00 ? 16 C   B "C1'"  1 
ATOM   493 N N1     . C   B 2 7 ? 4.003   -6.772  2.155   1.00 0.00 ? 16 C   B N1     1 
ATOM   494 C C2     . C   B 2 7 ? 4.083   -6.250  0.859   1.00 0.00 ? 16 C   B C2     1 
ATOM   495 O O2     . C   B 2 7 ? 3.554   -6.823  -0.093  1.00 0.00 ? 16 C   B O2     1 
ATOM   496 N N3     . C   B 2 7 ? 4.777   -5.113  0.624   1.00 0.00 ? 16 C   B N3     1 
ATOM   497 C C4     . C   B 2 7 ? 5.423   -4.531  1.619   1.00 0.00 ? 16 C   B C4     1 
ATOM   498 N N4     . C   B 2 7 ? 6.084   -3.439  1.317   1.00 0.00 ? 16 C   B N4     1 
ATOM   499 C C5     . C   B 2 7 ? 5.441   -5.063  2.945   1.00 0.00 ? 16 C   B C5     1 
ATOM   500 C C6     . C   B 2 7 ? 4.728   -6.199  3.167   1.00 0.00 ? 16 C   B C6     1 
ATOM   501 H "H5'"  . C   B 2 7 ? 2.505   -9.211  6.208   1.00 0.00 ? 16 C   B "H5'"  1 
ATOM   502 H "H5''" . C   B 2 7 ? 3.902   -10.291 6.027   1.00 0.00 ? 16 C   B "H5''" 1 
ATOM   503 H "H4'"  . C   B 2 7 ? 2.456   -10.203 3.976   1.00 0.00 ? 16 C   B "H4'"  1 
ATOM   504 H "H3'"  . C   B 2 7 ? 5.243   -9.069  3.698   1.00 0.00 ? 16 C   B "H3'"  1 
ATOM   505 H "H2'"  . C   B 2 7 ? 4.769   -8.963  1.319   1.00 0.00 ? 16 C   B "H2'"  1 
ATOM   506 H "HO2'" . C   B 2 7 ? 3.140   -9.986  0.374   1.00 0.00 ? 16 C   B "HO2'" 1 
ATOM   507 H "H1'"  . C   B 2 7 ? 2.334   -7.911  1.690   1.00 0.00 ? 16 C   B "H1'"  1 
ATOM   508 H H41    . C   B 2 7 ? 5.969   -3.101  0.355   1.00 0.00 ? 16 C   B H41    1 
ATOM   509 H H42    . C   B 2 7 ? 6.554   -2.902  2.018   1.00 0.00 ? 16 C   B H42    1 
ATOM   510 H H5     . C   B 2 7 ? 6.006   -4.598  3.737   1.00 0.00 ? 16 C   B H5     1 
ATOM   511 H H6     . C   B 2 7 ? 4.721   -6.683  4.132   1.00 0.00 ? 16 C   B H6     1 
ATOM   512 P P      . A   B 2 8 ? 6.264   -11.593 2.987   1.00 0.00 ? 17 A   B P      1 
ATOM   513 O OP1    . A   B 2 8 ? 6.340   -13.048 3.244   1.00 0.00 ? 17 A   B OP1    1 
ATOM   514 O OP2    . A   B 2 8 ? 7.260   -10.685 3.596   1.00 0.00 ? 17 A   B OP2    1 
ATOM   515 O "O5'"  . A   B 2 8 ? 6.295   -11.359 1.397   1.00 0.00 ? 17 A   B "O5'"  1 
ATOM   516 C "C5'"  . A   B 2 8 ? 5.548   -12.162 0.503   1.00 0.00 ? 17 A   B "C5'"  1 
ATOM   517 C "C4'"  . A   B 2 8 ? 5.721   -11.613 -0.916  1.00 0.00 ? 17 A   B "C4'"  1 
ATOM   518 O "O4'"  . A   B 2 8 ? 5.265   -10.271 -1.029  1.00 0.00 ? 17 A   B "O4'"  1 
ATOM   519 C "C3'"  . A   B 2 8 ? 7.175   -11.690 -1.387  1.00 0.00 ? 17 A   B "C3'"  1 
ATOM   520 O "O3'"  . A   B 2 8 ? 7.434   -12.986 -1.910  1.00 0.00 ? 17 A   B "O3'"  1 
ATOM   521 C "C2'"  . A   B 2 8 ? 7.148   -10.569 -2.440  1.00 0.00 ? 17 A   B "C2'"  1 
ATOM   522 O "O2'"  . A   B 2 8 ? 6.824   -11.005 -3.746  1.00 0.00 ? 17 A   B "O2'"  1 
ATOM   523 C "C1'"  . A   B 2 8 ? 6.055   -9.604  -2.005  1.00 0.00 ? 17 A   B "C1'"  1 
ATOM   524 N N9     . A   B 2 8 ? 6.707   -8.439  -1.388  1.00 0.00 ? 17 A   B N9     1 
ATOM   525 C C8     . A   B 2 8 ? 7.090   -8.314  -0.092  1.00 0.00 ? 17 A   B C8     1 
ATOM   526 N N7     . A   B 2 8 ? 7.567   -7.143  0.224   1.00 0.00 ? 17 A   B N7     1 
ATOM   527 C C5     . A   B 2 8 ? 7.610   -6.486  -1.015  1.00 0.00 ? 17 A   B C5     1 
ATOM   528 C C6     . A   B 2 8 ? 8.057   -5.220  -1.462  1.00 0.00 ? 17 A   B C6     1 
ATOM   529 N N6     . A   B 2 8 ? 8.466   -4.246  -0.665  1.00 0.00 ? 17 A   B N6     1 
ATOM   530 N N1     . A   B 2 8 ? 8.092   -4.943  -2.771  1.00 0.00 ? 17 A   B N1     1 
ATOM   531 C C2     . A   B 2 8 ? 7.670   -5.867  -3.630  1.00 0.00 ? 17 A   B C2     1 
ATOM   532 N N3     . A   B 2 8 ? 7.183   -7.073  -3.352  1.00 0.00 ? 17 A   B N3     1 
ATOM   533 C C4     . A   B 2 8 ? 7.167   -7.312  -2.015  1.00 0.00 ? 17 A   B C4     1 
ATOM   534 H "H5'"  . A   B 2 8 ? 4.494   -12.147 0.776   1.00 0.00 ? 17 A   B "H5'"  1 
ATOM   535 H "H5''" . A   B 2 8 ? 5.909   -13.190 0.544   1.00 0.00 ? 17 A   B "H5''" 1 
ATOM   536 H "H4'"  . A   B 2 8 ? 5.124   -12.195 -1.609  1.00 0.00 ? 17 A   B "H4'"  1 
ATOM   537 H "H3'"  . A   B 2 8 ? 7.882   -11.468 -0.569  1.00 0.00 ? 17 A   B "H3'"  1 
ATOM   538 H "H2'"  . A   B 2 8 ? 8.081   -10.024 -2.428  1.00 0.00 ? 17 A   B "H2'"  1 
ATOM   539 H "HO2'" . A   B 2 8 ? 7.622   -10.889 -4.294  1.00 0.00 ? 17 A   B "HO2'" 1 
ATOM   540 H "H1'"  . A   B 2 8 ? 5.463   -9.266  -2.864  1.00 0.00 ? 17 A   B "H1'"  1 
ATOM   541 H H8     . A   B 2 8 ? 6.966   -9.172  0.543   1.00 0.00 ? 17 A   B H8     1 
ATOM   542 H H61    . A   B 2 8 ? 8.669   -3.326  -1.058  1.00 0.00 ? 17 A   B H61    1 
ATOM   543 H H62    . A   B 2 8 ? 8.403   -4.396  0.327   1.00 0.00 ? 17 A   B H62    1 
ATOM   544 H H2     . A   B 2 8 ? 7.729   -5.619  -4.680  1.00 0.00 ? 17 A   B H2     1 
ATOM   545 P P      . U   B 2 9 ? 8.926   -13.590 -2.033  1.00 0.00 ? 18 U   B P      1 
ATOM   546 O OP1    . U   B 2 9 ? 8.817   -15.006 -2.448  1.00 0.00 ? 18 U   B OP1    1 
ATOM   547 O OP2    . U   B 2 9 ? 9.669   -13.238 -0.804  1.00 0.00 ? 18 U   B OP2    1 
ATOM   548 O "O5'"  . U   B 2 9 ? 9.570   -12.758 -3.247  1.00 0.00 ? 18 U   B "O5'"  1 
ATOM   549 C "C5'"  . U   B 2 9 ? 9.228   -12.997 -4.602  1.00 0.00 ? 18 U   B "C5'"  1 
ATOM   550 C "C4'"  . U   B 2 9 ? 9.725   -11.809 -5.433  1.00 0.00 ? 18 U   B "C4'"  1 
ATOM   551 O "O4'"  . U   B 2 9 ? 9.242   -10.613 -4.850  1.00 0.00 ? 18 U   B "O4'"  1 
ATOM   552 C "C3'"  . U   B 2 9 ? 11.239  -11.662 -5.391  1.00 0.00 ? 18 U   B "C3'"  1 
ATOM   553 O "O3'"  . U   B 2 9 ? 11.915  -12.354 -6.409  1.00 0.00 ? 18 U   B "O3'"  1 
ATOM   554 C "C2'"  . U   B 2 9 ? 11.515  -10.189 -5.570  1.00 0.00 ? 18 U   B "C2'"  1 
ATOM   555 O "O2'"  . U   B 2 9 ? 11.724  -9.869  -6.943  1.00 0.00 ? 18 U   B "O2'"  1 
ATOM   556 C "C1'"  . U   B 2 9 ? 10.214  -9.597  -5.041  1.00 0.00 ? 18 U   B "C1'"  1 
ATOM   557 N N1     . U   B 2 9 ? 10.458  -8.781  -3.825  1.00 0.00 ? 18 U   B N1     1 
ATOM   558 C C2     . U   B 2 9 ? 10.663  -7.412  -4.008  1.00 0.00 ? 18 U   B C2     1 
ATOM   559 O O2     . U   B 2 9 ? 10.692  -6.884  -5.117  1.00 0.00 ? 18 U   B O2     1 
ATOM   560 N N3     . U   B 2 9 ? 10.876  -6.659  -2.875  1.00 0.00 ? 18 U   B N3     1 
ATOM   561 C C4     . U   B 2 9 ? 10.933  -7.141  -1.587  1.00 0.00 ? 18 U   B C4     1 
ATOM   562 O O4     . U   B 2 9 ? 11.110  -6.365  -0.658  1.00 0.00 ? 18 U   B O4     1 
ATOM   563 C C5     . U   B 2 9 ? 10.801  -8.579  -1.480  1.00 0.00 ? 18 U   B C5     1 
ATOM   564 C C6     . U   B 2 9 ? 10.594  -9.356  -2.579  1.00 0.00 ? 18 U   B C6     1 
ATOM   565 H "H5'"  . U   B 2 9 ? 8.146   -13.084 -4.703  1.00 0.00 ? 18 U   B "H5'"  1 
ATOM   566 H "H5''" . U   B 2 9 ? 9.695   -13.921 -4.949  1.00 0.00 ? 18 U   B "H5''" 1 
ATOM   567 H "H4'"  . U   B 2 9 ? 9.394   -11.889 -6.470  1.00 0.00 ? 18 U   B "H4'"  1 
ATOM   568 H "H3'"  . U   B 2 9 ? 11.585  -11.883 -4.404  1.00 0.00 ? 18 U   B "H3'"  1 
ATOM   569 H "HO3'" . U   B 2 9 ? 12.074  -11.638 -7.052  1.00 0.00 ? 18 U   B "HO3'" 1 
ATOM   570 H "H2'"  . U   B 2 9 ? 12.369  -9.911  -4.941  1.00 0.00 ? 18 U   B "H2'"  1 
ATOM   571 H "HO2'" . U   B 2 9 ? 11.881  -8.920  -7.030  1.00 0.00 ? 18 U   B "HO2'" 1 
ATOM   572 H "H1'"  . U   B 2 9 ? 9.833   -8.974  -5.827  1.00 0.00 ? 18 U   B "H1'"  1 
ATOM   573 H H3     . U   B 2 9 ? 11.060  -5.669  -3.005  1.00 0.00 ? 18 U   B H3     1 
ATOM   574 H H5     . U   B 2 9 ? 10.888  -9.001  -0.487  1.00 0.00 ? 18 U   B H5     1 
ATOM   575 H H6     . U   B 2 9 ? 10.535  -10.434 -2.487  1.00 0.00 ? 18 U   B H6     1 
# 
